data_4MMI
#
_entry.id   4MMI
#
_cell.length_a   44.674
_cell.length_b   102.897
_cell.length_c   149.247
_cell.angle_alpha   90.00
_cell.angle_beta   90.00
_cell.angle_gamma   90.00
#
_symmetry.space_group_name_H-M   'P 21 21 21'
#
loop_
_entity.id
_entity.type
_entity.pdbx_description
1 polymer 'Heparinase III protein'
2 non-polymer 'CALCIUM ION'
3 water water
#
_entity_poly.entity_id   1
_entity_poly.type   'polypeptide(L)'
_entity_poly.pdbx_seq_one_letter_code
;QSSSVTRKDFDHINLEYSGLEKVNKAVAAGNYDDAAKALLAYYREKSKAREPDFSNAEKPADIRQPIDKVTREMADKALV
HQFQPHKGYGYFDYGKDINWQMWPVKDNEVRWQLHRVKWWQAMALVYHATGDEKYAREWVYQYSDWARKNPLGLSQDNDK
FVWRPLEVSDRVQSLPPTFSLFVNSPAFTPAFLMEFLNSYHQQADYLSTHYAEQGNHRLFEAQRNLFAGVSFPEFKDSPR
WRQTGISVLNTEIKKQVYADGMQFELSPIYHVAAIDIFLKAYGSAKRVNLEKEFPQSYVQTVENMIMALISISLPDYNTP
MFGDSWITDKNFRMAQFASWARVFPANQAIKYFATDGKQGKAPNFLSKALSNAGFYTFRSGWDKNATVMVLKASPPGEFH
AQPDNGTFELFIKGRNFTPDAGVFVYSGDEAIMKLRNWYRQTRIHSTLTLDNQNMVITKARQNKWETGNNLDVLTYTNPS
YPNLDHQRSVLFINKKYFLVIDRAIGEATGNLGVHWQLKEDSNPVFDKTKNRVYTTYRDGNNLMIQSLNADRTSLNEEEG
KVSYVYNKELKRPAFVFEKPKKNAGTQNFVSIVYPYDGQKAPEISIRENKGNDFEKGKLNLTLTINGKQQLVSVPLEHHH
HHH
;
_entity_poly.pdbx_strand_id   A
#
# COMPACT_ATOMS: atom_id res chain seq x y z
N VAL A 5 29.84 21.74 -30.73
CA VAL A 5 29.29 22.12 -29.38
C VAL A 5 29.34 23.64 -29.17
N THR A 6 28.17 24.26 -28.99
CA THR A 6 28.06 25.72 -28.90
C THR A 6 28.10 26.26 -27.46
N ARG A 7 28.24 27.57 -27.34
CA ARG A 7 27.97 28.31 -26.10
C ARG A 7 26.58 27.96 -25.56
N LYS A 8 25.58 28.09 -26.43
CA LYS A 8 24.18 27.76 -26.18
C LYS A 8 23.95 26.40 -25.52
N ASP A 9 24.73 25.39 -25.91
CA ASP A 9 24.60 24.03 -25.37
C ASP A 9 24.79 23.94 -23.84
N PHE A 10 25.33 24.99 -23.22
CA PHE A 10 25.55 25.03 -21.78
C PHE A 10 24.56 25.95 -21.02
N ASP A 11 23.59 26.52 -21.74
CA ASP A 11 22.72 27.54 -21.16
C ASP A 11 21.99 27.09 -19.91
N HIS A 12 21.55 25.85 -19.89
CA HIS A 12 20.76 25.31 -18.79
C HIS A 12 21.59 24.69 -17.67
N ILE A 13 22.89 24.50 -17.91
CA ILE A 13 23.80 23.96 -16.90
C ILE A 13 24.22 25.06 -15.95
N ASN A 14 24.22 24.78 -14.65
CA ASN A 14 24.76 25.69 -13.65
C ASN A 14 26.27 25.49 -13.62
N LEU A 15 27.00 26.38 -14.30
CA LEU A 15 28.45 26.24 -14.44
C LEU A 15 29.22 26.41 -13.12
N GLU A 16 28.62 27.15 -12.20
CA GLU A 16 29.21 27.35 -10.87
C GLU A 16 28.84 26.27 -9.85
N TYR A 17 28.22 25.17 -10.30
CA TYR A 17 27.92 24.04 -9.42
C TYR A 17 29.22 23.31 -9.05
N SER A 18 29.31 22.89 -7.79
CA SER A 18 30.52 22.30 -7.24
C SER A 18 30.99 21.05 -7.99
N GLY A 19 32.18 21.14 -8.60
CA GLY A 19 32.76 20.05 -9.38
C GLY A 19 32.90 20.38 -10.86
N LEU A 20 32.26 21.47 -11.30
CA LEU A 20 32.28 21.88 -12.72
C LEU A 20 33.24 23.04 -12.98
N GLU A 21 34.34 23.08 -12.23
CA GLU A 21 35.25 24.22 -12.27
C GLU A 21 35.90 24.32 -13.64
N LYS A 22 36.44 23.20 -14.13
CA LYS A 22 37.09 23.13 -15.44
C LYS A 22 36.11 23.46 -16.56
N VAL A 23 34.88 22.96 -16.41
CA VAL A 23 33.81 23.19 -17.39
C VAL A 23 33.53 24.69 -17.49
N ASN A 24 33.55 25.38 -16.36
CA ASN A 24 33.34 26.84 -16.33
C ASN A 24 34.42 27.61 -17.12
N LYS A 25 35.68 27.33 -16.79
CA LYS A 25 36.83 28.01 -17.43
C LYS A 25 36.76 27.86 -18.95
N ALA A 26 36.52 26.63 -19.39
CA ALA A 26 36.52 26.29 -20.81
C ALA A 26 35.44 27.06 -21.57
N VAL A 27 34.26 27.19 -20.99
CA VAL A 27 33.14 27.94 -21.59
C VAL A 27 33.41 29.45 -21.61
N ALA A 28 33.91 29.97 -20.50
CA ALA A 28 34.31 31.38 -20.40
C ALA A 28 35.45 31.70 -21.40
N ALA A 29 36.38 30.76 -21.53
CA ALA A 29 37.56 30.91 -22.40
C ALA A 29 37.25 30.61 -23.88
N GLY A 30 36.13 29.95 -24.16
CA GLY A 30 35.64 29.80 -25.53
C GLY A 30 35.83 28.44 -26.18
N ASN A 31 36.57 27.53 -25.53
CA ASN A 31 36.71 26.16 -26.05
C ASN A 31 35.66 25.22 -25.45
N TYR A 32 34.58 25.05 -26.20
CA TYR A 32 33.37 24.36 -25.74
C TYR A 32 33.49 22.85 -25.87
N ASP A 33 34.15 22.39 -26.94
CA ASP A 33 34.43 20.96 -27.10
C ASP A 33 35.19 20.41 -25.89
N ASP A 34 36.11 21.19 -25.34
CA ASP A 34 36.82 20.78 -24.12
C ASP A 34 35.96 20.97 -22.86
N ALA A 35 35.04 21.94 -22.90
CA ALA A 35 34.04 22.07 -21.83
C ALA A 35 33.19 20.81 -21.74
N ALA A 36 32.68 20.37 -22.89
CA ALA A 36 31.88 19.15 -23.00
C ALA A 36 32.63 17.91 -22.51
N LYS A 37 33.88 17.75 -22.97
CA LYS A 37 34.75 16.67 -22.49
C LYS A 37 34.92 16.71 -20.97
N ALA A 38 35.06 17.91 -20.42
CA ALA A 38 35.25 18.08 -18.98
C ALA A 38 33.97 17.77 -18.20
N LEU A 39 32.81 18.05 -18.81
CA LEU A 39 31.52 17.71 -18.19
C LEU A 39 31.31 16.19 -18.17
N LEU A 40 31.68 15.55 -19.27
CA LEU A 40 31.61 14.11 -19.43
C LEU A 40 32.48 13.38 -18.39
N ALA A 41 33.65 13.95 -18.10
CA ALA A 41 34.54 13.40 -17.08
C ALA A 41 33.92 13.49 -15.69
N TYR A 42 33.20 14.58 -15.42
CA TYR A 42 32.53 14.78 -14.14
C TYR A 42 31.40 13.77 -13.92
N TYR A 43 30.58 13.55 -14.94
CA TYR A 43 29.51 12.56 -14.83
C TYR A 43 30.05 11.13 -14.73
N ARG A 44 31.05 10.80 -15.55
CA ARG A 44 31.74 9.51 -15.41
C ARG A 44 32.29 9.35 -14.00
N GLU A 45 32.88 10.42 -13.47
CA GLU A 45 33.38 10.40 -12.10
C GLU A 45 32.23 10.17 -11.10
N LYS A 46 31.14 10.92 -11.28
CA LYS A 46 29.93 10.80 -10.43
C LYS A 46 29.25 9.44 -10.55
N SER A 47 29.31 8.83 -11.72
CA SER A 47 28.68 7.52 -11.95
C SER A 47 29.41 6.41 -11.20
N LYS A 48 30.76 6.44 -11.22
CA LYS A 48 31.56 5.45 -10.49
C LYS A 48 31.39 5.62 -8.98
N ALA A 49 31.20 6.86 -8.54
CA ALA A 49 31.15 7.19 -7.12
C ALA A 49 29.82 6.88 -6.44
N ARG A 50 28.78 6.56 -7.21
CA ARG A 50 27.49 6.20 -6.62
C ARG A 50 26.71 5.22 -7.51
N GLU A 51 25.91 4.37 -6.88
CA GLU A 51 25.08 3.40 -7.59
C GLU A 51 23.91 4.08 -8.30
N PRO A 52 23.52 3.59 -9.49
CA PRO A 52 22.28 4.03 -10.12
C PRO A 52 21.06 3.86 -9.22
N ASP A 53 20.21 4.88 -9.16
CA ASP A 53 18.99 4.83 -8.36
C ASP A 53 17.81 4.43 -9.23
N PHE A 54 17.37 3.18 -9.05
CA PHE A 54 16.22 2.60 -9.75
C PHE A 54 14.96 2.59 -8.88
N SER A 55 15.13 2.96 -7.62
CA SER A 55 14.15 2.67 -6.58
C SER A 55 12.81 3.41 -6.72
N ASN A 56 12.77 4.46 -7.52
CA ASN A 56 11.50 5.17 -7.74
C ASN A 56 10.53 4.42 -8.66
N ALA A 57 11.05 3.51 -9.48
CA ALA A 57 10.21 2.77 -10.42
C ALA A 57 9.20 1.84 -9.72
N GLU A 58 8.08 1.56 -10.41
CA GLU A 58 7.08 0.60 -9.90
C GLU A 58 7.76 -0.73 -9.59
N LYS A 59 8.51 -1.27 -10.55
CA LYS A 59 9.37 -2.42 -10.32
C LYS A 59 10.85 -2.03 -10.50
N PRO A 60 11.54 -1.64 -9.40
CA PRO A 60 12.93 -1.25 -9.52
C PRO A 60 13.81 -2.37 -10.06
N ALA A 61 14.61 -2.05 -11.07
CA ALA A 61 15.55 -3.02 -11.62
C ALA A 61 16.70 -3.23 -10.65
N ASP A 62 17.28 -4.42 -10.70
CA ASP A 62 18.35 -4.81 -9.81
C ASP A 62 19.63 -4.96 -10.64
N ILE A 63 20.60 -4.08 -10.40
CA ILE A 63 21.85 -4.04 -11.16
C ILE A 63 22.62 -5.37 -11.14
N ARG A 64 22.52 -6.11 -10.03
CA ARG A 64 23.31 -7.31 -9.81
C ARG A 64 22.52 -8.63 -9.91
N GLN A 65 21.30 -8.59 -10.44
CA GLN A 65 20.58 -9.82 -10.74
C GLN A 65 20.94 -10.25 -12.16
N PRO A 66 21.11 -11.56 -12.38
CA PRO A 66 21.49 -12.03 -13.71
C PRO A 66 20.41 -11.73 -14.74
N ILE A 67 20.80 -11.63 -16.00
CA ILE A 67 19.87 -11.22 -17.06
C ILE A 67 18.92 -12.36 -17.41
N ASP A 68 17.66 -12.23 -17.00
CA ASP A 68 16.63 -13.21 -17.36
C ASP A 68 16.30 -13.13 -18.86
N LYS A 69 15.49 -14.06 -19.35
CA LYS A 69 15.28 -14.23 -20.79
C LYS A 69 14.58 -13.04 -21.46
N VAL A 70 13.54 -12.52 -20.84
CA VAL A 70 12.79 -11.39 -21.43
C VAL A 70 13.66 -10.14 -21.56
N THR A 71 14.46 -9.84 -20.54
CA THR A 71 15.39 -8.71 -20.61
C THR A 71 16.43 -8.86 -21.72
N ARG A 72 16.99 -10.06 -21.86
CA ARG A 72 17.93 -10.38 -22.95
C ARG A 72 17.26 -10.12 -24.28
N GLU A 73 16.05 -10.68 -24.41
CA GLU A 73 15.23 -10.64 -25.61
C GLU A 73 14.90 -9.21 -25.99
N MET A 74 14.53 -8.42 -24.99
CA MET A 74 14.15 -7.04 -25.18
C MET A 74 15.34 -6.23 -25.71
N ALA A 75 16.52 -6.47 -25.13
CA ALA A 75 17.73 -5.78 -25.53
C ALA A 75 18.17 -6.19 -26.94
N ASP A 76 18.04 -7.48 -27.27
CA ASP A 76 18.51 -7.99 -28.57
C ASP A 76 17.59 -7.58 -29.71
N LYS A 77 16.28 -7.64 -29.48
CA LYS A 77 15.30 -7.15 -30.46
C LYS A 77 15.48 -5.67 -30.78
N ALA A 78 15.90 -4.89 -29.78
CA ALA A 78 16.09 -3.46 -29.96
C ALA A 78 17.21 -3.15 -30.96
N LEU A 79 18.18 -4.06 -31.06
CA LEU A 79 19.30 -3.91 -31.99
C LEU A 79 18.81 -3.96 -33.45
N VAL A 80 17.69 -4.63 -33.69
CA VAL A 80 17.09 -4.68 -35.04
C VAL A 80 15.78 -3.86 -35.08
N HIS A 81 15.63 -2.96 -34.12
CA HIS A 81 14.53 -1.99 -34.08
C HIS A 81 13.16 -2.64 -34.00
N GLN A 82 13.10 -3.76 -33.27
CA GLN A 82 11.83 -4.36 -32.89
C GLN A 82 11.54 -4.01 -31.43
N PHE A 83 10.38 -3.44 -31.18
CA PHE A 83 10.01 -3.02 -29.83
C PHE A 83 8.65 -3.59 -29.49
N GLN A 84 8.46 -3.87 -28.20
CA GLN A 84 7.18 -4.33 -27.67
C GLN A 84 6.68 -3.33 -26.62
N PRO A 85 6.08 -2.23 -27.05
CA PRO A 85 5.60 -1.22 -26.09
C PRO A 85 4.42 -1.65 -25.19
N HIS A 86 3.54 -2.49 -25.71
CA HIS A 86 2.32 -2.90 -25.00
C HIS A 86 2.39 -4.37 -24.63
N LYS A 87 1.86 -4.73 -23.47
CA LYS A 87 1.91 -6.10 -22.97
C LYS A 87 0.83 -7.02 -23.60
N GLY A 88 -0.17 -6.41 -24.22
CA GLY A 88 -1.19 -7.16 -24.96
C GLY A 88 -0.83 -7.52 -26.40
N TYR A 89 0.42 -7.21 -26.80
CA TYR A 89 0.93 -7.53 -28.14
C TYR A 89 2.41 -7.87 -28.07
N GLY A 90 2.91 -8.47 -29.14
CA GLY A 90 4.34 -8.83 -29.25
C GLY A 90 5.14 -7.71 -29.88
N TYR A 91 6.35 -8.03 -30.34
CA TYR A 91 7.22 -7.05 -30.97
C TYR A 91 6.69 -6.65 -32.35
N PHE A 92 6.97 -5.40 -32.72
CA PHE A 92 6.72 -4.89 -34.07
C PHE A 92 8.05 -4.40 -34.63
N ASP A 93 8.23 -4.47 -35.94
CA ASP A 93 9.40 -3.88 -36.59
C ASP A 93 9.08 -2.45 -36.94
N TYR A 94 9.85 -1.51 -36.37
CA TYR A 94 9.65 -0.08 -36.61
C TYR A 94 10.57 0.45 -37.72
N GLY A 95 11.28 -0.44 -38.42
CA GLY A 95 12.07 -0.07 -39.59
C GLY A 95 13.53 0.21 -39.28
N LYS A 96 14.34 0.29 -40.33
CA LYS A 96 15.80 0.47 -40.16
C LYS A 96 16.18 1.92 -39.91
N ASP A 97 15.43 2.85 -40.52
CA ASP A 97 15.40 4.23 -40.06
C ASP A 97 14.09 4.31 -39.30
N ILE A 98 14.17 4.41 -37.99
CA ILE A 98 13.02 4.17 -37.11
C ILE A 98 11.89 5.14 -37.40
N ASN A 99 10.67 4.61 -37.43
CA ASN A 99 9.46 5.39 -37.60
C ASN A 99 8.70 5.41 -36.27
N TRP A 100 8.87 6.49 -35.52
CA TRP A 100 8.24 6.64 -34.20
C TRP A 100 6.76 6.96 -34.28
N GLN A 101 6.28 7.22 -35.49
CA GLN A 101 4.87 7.50 -35.73
C GLN A 101 4.09 6.27 -36.18
N MET A 102 4.78 5.15 -36.40
CA MET A 102 4.12 3.91 -36.82
C MET A 102 2.94 3.56 -35.93
N TRP A 103 1.86 3.13 -36.56
CA TRP A 103 0.64 2.75 -35.86
C TRP A 103 0.33 1.30 -36.22
N PRO A 104 1.12 0.35 -35.70
CA PRO A 104 1.01 -1.07 -36.09
C PRO A 104 -0.33 -1.72 -35.71
N VAL A 105 -1.00 -1.16 -34.70
CA VAL A 105 -2.31 -1.62 -34.28
C VAL A 105 -3.18 -0.36 -34.21
N LYS A 106 -4.49 -0.51 -34.09
CA LYS A 106 -5.36 0.65 -33.84
C LYS A 106 -5.78 0.71 -32.39
N ASP A 107 -4.81 1.09 -31.56
CA ASP A 107 -4.99 1.35 -30.15
C ASP A 107 -4.05 2.51 -29.81
N ASN A 108 -4.58 3.55 -29.20
CA ASN A 108 -3.79 4.68 -28.74
C ASN A 108 -2.66 4.22 -27.82
N GLU A 109 -2.98 3.30 -26.91
CA GLU A 109 -2.04 2.81 -25.90
C GLU A 109 -0.71 2.33 -26.47
N VAL A 110 -0.71 1.74 -27.66
CA VAL A 110 0.52 1.24 -28.29
C VAL A 110 1.47 2.38 -28.63
N ARG A 111 0.91 3.51 -29.03
CA ARG A 111 1.73 4.65 -29.37
C ARG A 111 2.21 5.38 -28.10
N TRP A 112 1.32 5.57 -27.13
CA TRP A 112 1.72 6.14 -25.84
C TRP A 112 2.86 5.33 -25.20
N GLN A 113 2.62 4.05 -25.00
CA GLN A 113 3.58 3.21 -24.29
C GLN A 113 4.91 2.97 -25.05
N LEU A 114 4.90 3.19 -26.36
CA LEU A 114 6.13 3.18 -27.13
C LEU A 114 7.08 4.27 -26.66
N HIS A 115 6.52 5.42 -26.30
CA HIS A 115 7.33 6.55 -25.86
C HIS A 115 7.64 6.52 -24.37
N ARG A 116 7.37 5.38 -23.73
CA ARG A 116 8.00 5.03 -22.46
C ARG A 116 9.30 4.27 -22.69
N VAL A 117 9.65 4.03 -23.96
CA VAL A 117 10.95 3.47 -24.31
C VAL A 117 11.49 2.54 -23.21
N LYS A 118 10.68 1.56 -22.84
CA LYS A 118 11.03 0.65 -21.73
C LYS A 118 12.30 -0.16 -22.03
N TRP A 119 12.55 -0.42 -23.31
CA TRP A 119 13.67 -1.27 -23.71
C TRP A 119 15.03 -0.60 -23.54
N TRP A 120 15.07 0.73 -23.39
CA TRP A 120 16.33 1.43 -23.18
C TRP A 120 17.00 0.97 -21.88
N GLN A 121 16.20 0.72 -20.85
CA GLN A 121 16.72 0.26 -19.56
C GLN A 121 17.22 -1.18 -19.70
N ALA A 122 16.47 -2.00 -20.43
CA ALA A 122 16.88 -3.36 -20.72
C ALA A 122 18.29 -3.37 -21.34
N MET A 123 18.48 -2.52 -22.35
CA MET A 123 19.77 -2.39 -23.03
C MET A 123 20.84 -1.94 -22.05
N ALA A 124 20.45 -1.06 -21.13
CA ALA A 124 21.36 -0.59 -20.11
C ALA A 124 21.84 -1.73 -19.22
N LEU A 125 20.91 -2.56 -18.76
CA LEU A 125 21.25 -3.65 -17.83
C LEU A 125 22.07 -4.73 -18.53
N VAL A 126 21.71 -5.05 -19.77
CA VAL A 126 22.44 -6.04 -20.54
C VAL A 126 23.85 -5.53 -20.85
N TYR A 127 23.95 -4.24 -21.18
CA TYR A 127 25.27 -3.62 -21.40
C TYR A 127 26.11 -3.67 -20.14
N HIS A 128 25.48 -3.45 -18.99
CA HIS A 128 26.19 -3.48 -17.71
C HIS A 128 26.71 -4.88 -17.43
N ALA A 129 25.88 -5.88 -17.72
CA ALA A 129 26.17 -7.26 -17.37
C ALA A 129 27.21 -7.90 -18.29
N THR A 130 27.03 -7.73 -19.60
CA THR A 130 27.94 -8.31 -20.58
C THR A 130 29.19 -7.45 -20.76
N GLY A 131 28.99 -6.14 -20.90
CA GLY A 131 30.07 -5.24 -21.27
C GLY A 131 30.17 -5.10 -22.78
N ASP A 132 29.31 -5.79 -23.50
CA ASP A 132 29.33 -5.78 -24.96
C ASP A 132 28.91 -4.40 -25.49
N GLU A 133 29.87 -3.69 -26.08
CA GLU A 133 29.69 -2.30 -26.52
C GLU A 133 28.61 -2.07 -27.58
N LYS A 134 28.04 -3.12 -28.17
CA LYS A 134 27.04 -2.91 -29.23
C LYS A 134 25.74 -2.37 -28.68
N TYR A 135 25.46 -2.64 -27.40
CA TYR A 135 24.27 -2.14 -26.73
C TYR A 135 24.34 -0.63 -26.50
N ALA A 136 25.51 -0.15 -26.07
CA ALA A 136 25.75 1.26 -25.88
C ALA A 136 25.68 2.06 -27.19
N ARG A 137 26.35 1.58 -28.23
CA ARG A 137 26.33 2.27 -29.53
C ARG A 137 24.90 2.43 -30.03
N GLU A 138 24.09 1.39 -29.87
CA GLU A 138 22.72 1.41 -30.34
C GLU A 138 21.85 2.37 -29.51
N TRP A 139 22.06 2.40 -28.19
CA TRP A 139 21.27 3.27 -27.33
C TRP A 139 21.49 4.76 -27.64
N VAL A 140 22.76 5.16 -27.69
CA VAL A 140 23.13 6.53 -28.09
C VAL A 140 22.58 6.90 -29.48
N TYR A 141 22.69 5.95 -30.42
CA TYR A 141 22.06 6.11 -31.72
C TYR A 141 20.55 6.31 -31.57
N GLN A 142 19.93 5.56 -30.66
CA GLN A 142 18.48 5.59 -30.50
C GLN A 142 17.99 6.82 -29.75
N TYR A 143 18.71 7.23 -28.72
CA TYR A 143 18.31 8.44 -28.01
C TYR A 143 18.33 9.62 -28.98
N SER A 144 19.46 9.81 -29.65
CA SER A 144 19.60 10.89 -30.62
C SER A 144 18.52 10.79 -31.68
N ASP A 145 18.28 9.58 -32.18
CA ASP A 145 17.25 9.36 -33.18
C ASP A 145 15.89 9.86 -32.67
N TRP A 146 15.54 9.43 -31.45
CA TRP A 146 14.27 9.79 -30.84
C TRP A 146 14.16 11.29 -30.60
N ALA A 147 15.21 11.89 -30.05
CA ALA A 147 15.18 13.32 -29.73
C ALA A 147 14.99 14.15 -31.00
N ARG A 148 15.81 13.86 -32.01
CA ARG A 148 15.80 14.58 -33.27
C ARG A 148 14.47 14.46 -34.01
N LYS A 149 13.87 13.26 -33.98
CA LYS A 149 12.65 12.98 -34.71
C LYS A 149 11.37 13.39 -33.99
N ASN A 150 11.44 13.55 -32.66
CA ASN A 150 10.26 13.89 -31.84
C ASN A 150 10.41 15.17 -30.99
N PRO A 151 10.84 16.29 -31.61
CA PRO A 151 10.93 17.51 -30.81
C PRO A 151 9.55 17.99 -30.35
N LEU A 152 9.52 18.71 -29.23
CA LEU A 152 8.28 19.30 -28.74
C LEU A 152 7.82 20.32 -29.77
N GLY A 153 6.53 20.34 -30.05
CA GLY A 153 5.98 21.20 -31.10
C GLY A 153 6.33 20.78 -32.51
N LEU A 154 6.40 19.47 -32.75
CA LEU A 154 6.60 18.93 -34.10
C LEU A 154 5.28 19.04 -34.85
N SER A 155 4.24 18.46 -34.26
CA SER A 155 2.89 18.54 -34.80
C SER A 155 1.92 18.23 -33.67
N GLN A 156 0.64 18.42 -33.95
CA GLN A 156 -0.39 18.24 -32.95
C GLN A 156 -0.40 16.81 -32.45
N ASP A 157 -0.42 15.85 -33.38
CA ASP A 157 -0.65 14.46 -33.02
C ASP A 157 0.60 13.81 -32.41
N ASN A 158 1.79 14.16 -32.89
CA ASN A 158 3.02 13.64 -32.29
C ASN A 158 3.07 14.00 -30.81
N ASP A 159 2.97 15.30 -30.52
CA ASP A 159 2.96 15.79 -29.13
C ASP A 159 1.87 15.16 -28.26
N LYS A 160 0.77 14.73 -28.85
CA LYS A 160 -0.27 14.01 -28.10
C LYS A 160 0.25 12.69 -27.50
N PHE A 161 1.21 12.05 -28.18
CA PHE A 161 1.72 10.75 -27.76
C PHE A 161 3.09 10.82 -27.08
N VAL A 162 3.98 11.65 -27.61
CA VAL A 162 5.34 11.75 -27.10
C VAL A 162 5.48 12.67 -25.90
N TRP A 163 4.73 13.78 -25.91
CA TRP A 163 4.84 14.81 -24.88
C TRP A 163 3.61 14.92 -23.98
N ARG A 164 2.83 13.84 -23.89
CA ARG A 164 1.84 13.71 -22.83
C ARG A 164 2.59 13.56 -21.49
N PRO A 165 2.17 14.32 -20.46
CA PRO A 165 2.95 14.37 -19.22
C PRO A 165 3.21 13.02 -18.51
N LEU A 166 2.28 12.09 -18.60
CA LEU A 166 2.50 10.78 -17.99
C LEU A 166 3.78 10.14 -18.56
N GLU A 167 3.90 10.12 -19.89
CA GLU A 167 5.04 9.51 -20.56
C GLU A 167 6.33 10.29 -20.32
N VAL A 168 6.24 11.61 -20.36
CA VAL A 168 7.40 12.46 -20.14
C VAL A 168 7.96 12.15 -18.76
N SER A 169 7.07 12.00 -17.79
CA SER A 169 7.45 11.74 -16.42
C SER A 169 8.10 10.37 -16.31
N ASP A 170 7.54 9.40 -17.04
CA ASP A 170 8.12 8.07 -17.12
C ASP A 170 9.58 8.16 -17.56
N ARG A 171 9.84 8.94 -18.60
CA ARG A 171 11.17 9.04 -19.18
C ARG A 171 12.12 9.78 -18.26
N VAL A 172 11.66 10.87 -17.64
CA VAL A 172 12.55 11.62 -16.75
C VAL A 172 12.97 10.78 -15.53
N GLN A 173 12.20 9.73 -15.22
CA GLN A 173 12.50 8.80 -14.12
C GLN A 173 13.39 7.62 -14.54
N SER A 174 13.20 7.09 -15.75
CA SER A 174 13.97 5.95 -16.22
C SER A 174 15.36 6.36 -16.70
N LEU A 175 15.48 7.58 -17.22
CA LEU A 175 16.68 8.01 -17.90
C LEU A 175 17.90 8.20 -16.99
N PRO A 176 17.73 8.78 -15.79
CA PRO A 176 18.91 8.92 -14.93
C PRO A 176 19.73 7.65 -14.66
N PRO A 177 19.09 6.55 -14.23
CA PRO A 177 19.87 5.32 -14.06
C PRO A 177 20.35 4.69 -15.36
N THR A 178 19.56 4.83 -16.43
CA THR A 178 19.97 4.37 -17.76
C THR A 178 21.22 5.11 -18.22
N PHE A 179 21.19 6.42 -18.06
CA PHE A 179 22.31 7.31 -18.36
C PHE A 179 23.53 6.87 -17.55
N SER A 180 23.33 6.66 -16.25
CA SER A 180 24.40 6.26 -15.35
C SER A 180 25.12 5.01 -15.82
N LEU A 181 24.38 4.10 -16.45
CA LEU A 181 24.91 2.80 -16.87
C LEU A 181 25.63 2.86 -18.22
N PHE A 182 25.34 3.87 -19.01
CA PHE A 182 25.91 4.02 -20.36
C PHE A 182 26.98 5.11 -20.43
N VAL A 183 27.10 5.92 -19.38
CA VAL A 183 27.92 7.12 -19.46
C VAL A 183 29.42 6.84 -19.68
N ASN A 184 29.88 5.65 -19.33
CA ASN A 184 31.29 5.29 -19.50
C ASN A 184 31.63 4.69 -20.86
N SER A 185 30.62 4.33 -21.64
CA SER A 185 30.87 3.81 -22.99
C SER A 185 31.58 4.85 -23.86
N PRO A 186 32.61 4.40 -24.62
CA PRO A 186 33.17 5.22 -25.69
C PRO A 186 32.16 5.62 -26.79
N ALA A 187 30.97 5.03 -26.78
CA ALA A 187 29.89 5.47 -27.66
C ALA A 187 29.25 6.76 -27.13
N PHE A 188 29.45 7.02 -25.84
CA PHE A 188 28.92 8.20 -25.18
C PHE A 188 29.86 9.38 -25.44
N THR A 189 29.72 9.98 -26.62
CA THR A 189 30.55 11.11 -27.00
C THR A 189 30.16 12.35 -26.20
N PRO A 190 31.09 13.31 -26.05
CA PRO A 190 30.76 14.57 -25.36
C PRO A 190 29.70 15.39 -26.08
N ALA A 191 29.67 15.32 -27.42
CA ALA A 191 28.60 15.93 -28.21
C ALA A 191 27.25 15.34 -27.82
N PHE A 192 27.18 14.01 -27.73
CA PHE A 192 25.94 13.35 -27.35
C PHE A 192 25.52 13.82 -25.96
N LEU A 193 26.45 13.80 -25.01
CA LEU A 193 26.19 14.25 -23.64
C LEU A 193 25.34 15.50 -23.63
N MET A 194 25.77 16.51 -24.38
CA MET A 194 25.10 17.80 -24.44
C MET A 194 23.73 17.69 -25.11
N GLU A 195 23.63 16.87 -26.15
CA GLU A 195 22.35 16.61 -26.78
C GLU A 195 21.41 15.97 -25.76
N PHE A 196 21.93 15.03 -24.96
CA PHE A 196 21.16 14.36 -23.91
C PHE A 196 20.73 15.35 -22.83
N LEU A 197 21.69 16.12 -22.32
CA LEU A 197 21.41 17.02 -21.21
C LEU A 197 20.35 18.07 -21.56
N ASN A 198 20.41 18.61 -22.77
CA ASN A 198 19.42 19.58 -23.22
C ASN A 198 18.06 18.97 -23.50
N SER A 199 18.03 17.75 -24.03
CA SER A 199 16.77 17.03 -24.23
C SER A 199 16.11 16.64 -22.90
N TYR A 200 16.93 16.19 -21.95
CA TYR A 200 16.45 15.87 -20.63
C TYR A 200 15.87 17.15 -20.00
N HIS A 201 16.62 18.24 -20.09
CA HIS A 201 16.20 19.47 -19.46
C HIS A 201 14.81 19.87 -19.91
N GLN A 202 14.62 19.84 -21.24
CA GLN A 202 13.36 20.21 -21.84
C GLN A 202 12.22 19.37 -21.30
N GLN A 203 12.48 18.09 -21.06
CA GLN A 203 11.41 17.20 -20.62
C GLN A 203 11.06 17.48 -19.16
N ALA A 204 12.09 17.57 -18.32
CA ALA A 204 11.89 17.77 -16.88
C ALA A 204 11.24 19.13 -16.62
N ASP A 205 11.60 20.10 -17.44
CA ASP A 205 11.05 21.46 -17.30
C ASP A 205 9.61 21.56 -17.87
N TYR A 206 9.39 20.94 -19.02
CA TYR A 206 8.05 20.75 -19.57
C TYR A 206 7.16 20.08 -18.51
N LEU A 207 7.66 19.00 -17.93
CA LEU A 207 6.96 18.32 -16.82
C LEU A 207 6.63 19.31 -15.69
N SER A 208 7.57 20.19 -15.36
CA SER A 208 7.37 21.15 -14.27
C SER A 208 6.26 22.18 -14.56
N THR A 209 6.00 22.43 -15.84
CA THR A 209 4.96 23.38 -16.24
C THR A 209 3.69 22.70 -16.77
N HIS A 210 3.61 21.37 -16.68
CA HIS A 210 2.45 20.62 -17.21
C HIS A 210 1.90 19.52 -16.31
N TYR A 211 2.46 19.31 -15.12
CA TYR A 211 1.96 18.25 -14.24
C TYR A 211 0.49 18.48 -13.91
N ALA A 212 -0.20 17.40 -13.52
CA ALA A 212 -1.66 17.40 -13.42
C ALA A 212 -2.18 18.11 -12.19
N GLU A 213 -3.32 18.77 -12.34
CA GLU A 213 -4.05 19.36 -11.20
C GLU A 213 -4.67 18.27 -10.31
N GLN A 214 -5.21 17.24 -10.96
CA GLN A 214 -6.12 16.31 -10.29
C GLN A 214 -5.60 14.88 -10.35
N GLY A 215 -5.81 14.14 -9.27
CA GLY A 215 -5.87 12.70 -9.33
C GLY A 215 -4.57 11.92 -9.28
N ASN A 216 -4.67 10.66 -9.72
CA ASN A 216 -3.57 9.68 -9.71
C ASN A 216 -2.26 10.15 -10.36
N HIS A 217 -2.37 10.78 -11.53
CA HIS A 217 -1.20 11.27 -12.28
C HIS A 217 -0.41 12.31 -11.51
N ARG A 218 -1.11 13.17 -10.78
CA ARG A 218 -0.49 14.33 -10.11
C ARG A 218 0.68 13.91 -9.21
N LEU A 219 0.47 12.85 -8.46
CA LEU A 219 1.42 12.42 -7.45
C LEU A 219 2.63 11.77 -8.12
N PHE A 220 2.39 11.00 -9.18
CA PHE A 220 3.47 10.33 -9.88
C PHE A 220 4.32 11.39 -10.58
N GLU A 221 3.66 12.33 -11.24
CA GLU A 221 4.34 13.30 -12.06
C GLU A 221 5.21 14.28 -11.26
N ALA A 222 4.73 14.66 -10.08
CA ALA A 222 5.45 15.57 -9.20
C ALA A 222 6.67 14.87 -8.61
N GLN A 223 6.48 13.61 -8.22
CA GLN A 223 7.54 12.83 -7.61
C GLN A 223 8.69 12.64 -8.58
N ARG A 224 8.35 12.46 -9.85
CA ARG A 224 9.35 12.24 -10.89
C ARG A 224 10.05 13.53 -11.27
N ASN A 225 9.34 14.64 -11.19
CA ASN A 225 9.92 15.95 -11.39
C ASN A 225 10.98 16.22 -10.33
N LEU A 226 10.63 15.90 -9.08
CA LEU A 226 11.58 15.95 -7.98
C LEU A 226 12.79 15.05 -8.27
N PHE A 227 12.53 13.83 -8.74
CA PHE A 227 13.59 12.89 -9.07
C PHE A 227 14.53 13.44 -10.17
N ALA A 228 13.98 14.25 -11.07
CA ALA A 228 14.79 14.94 -12.10
C ALA A 228 15.84 15.85 -11.47
N GLY A 229 15.41 16.73 -10.56
CA GLY A 229 16.30 17.68 -9.90
C GLY A 229 17.28 17.08 -8.89
N VAL A 230 16.93 15.89 -8.39
CA VAL A 230 17.80 15.10 -7.52
C VAL A 230 18.88 14.40 -8.34
N SER A 231 18.49 13.87 -9.50
CA SER A 231 19.38 13.10 -10.35
C SER A 231 20.36 13.99 -11.10
N PHE A 232 19.89 15.16 -11.53
CA PHE A 232 20.72 16.12 -12.23
C PHE A 232 20.62 17.49 -11.56
N PRO A 233 21.23 17.62 -10.37
CA PRO A 233 21.20 18.90 -9.65
C PRO A 233 22.06 19.97 -10.32
N GLU A 234 22.81 19.59 -11.36
CA GLU A 234 23.70 20.53 -12.07
C GLU A 234 22.97 21.55 -12.95
N PHE A 235 21.72 21.25 -13.32
CA PHE A 235 20.89 22.22 -14.05
C PHE A 235 20.56 23.40 -13.17
N LYS A 236 20.53 24.59 -13.77
CA LYS A 236 20.13 25.80 -13.07
C LYS A 236 18.74 25.60 -12.47
N ASP A 237 17.88 24.91 -13.19
CA ASP A 237 16.48 24.73 -12.81
C ASP A 237 16.20 23.59 -11.83
N SER A 238 17.20 22.80 -11.47
CA SER A 238 16.95 21.63 -10.61
C SER A 238 16.42 21.94 -9.21
N PRO A 239 16.90 23.01 -8.56
CA PRO A 239 16.28 23.35 -7.27
C PRO A 239 14.79 23.74 -7.38
N ARG A 240 14.38 24.48 -8.42
CA ARG A 240 12.94 24.75 -8.65
C ARG A 240 12.17 23.46 -8.89
N TRP A 241 12.73 22.57 -9.70
CA TRP A 241 12.10 21.28 -9.96
C TRP A 241 11.84 20.51 -8.67
N ARG A 242 12.83 20.49 -7.79
CA ARG A 242 12.72 19.78 -6.53
C ARG A 242 11.65 20.42 -5.65
N GLN A 243 11.72 21.74 -5.48
CA GLN A 243 10.74 22.44 -4.65
C GLN A 243 9.32 22.17 -5.13
N THR A 244 9.12 22.24 -6.45
CA THR A 244 7.80 22.00 -7.06
C THR A 244 7.24 20.60 -6.72
N GLY A 245 8.09 19.59 -6.83
CA GLY A 245 7.71 18.22 -6.49
C GLY A 245 7.45 18.07 -5.01
N ILE A 246 8.37 18.58 -4.20
CA ILE A 246 8.21 18.55 -2.76
C ILE A 246 6.91 19.23 -2.36
N SER A 247 6.62 20.37 -2.98
CA SER A 247 5.41 21.12 -2.62
C SER A 247 4.14 20.32 -2.91
N VAL A 248 4.11 19.66 -4.06
CA VAL A 248 2.95 18.86 -4.44
C VAL A 248 2.80 17.64 -3.53
N LEU A 249 3.89 16.92 -3.31
CA LEU A 249 3.88 15.78 -2.39
C LEU A 249 3.52 16.17 -0.94
N ASN A 250 4.07 17.27 -0.45
CA ASN A 250 3.75 17.72 0.91
C ASN A 250 2.29 18.14 1.07
N THR A 251 1.79 18.90 0.10
CA THR A 251 0.38 19.27 0.06
C THR A 251 -0.51 18.03 0.06
N GLU A 252 -0.13 17.01 -0.69
CA GLU A 252 -0.99 15.83 -0.81
C GLU A 252 -0.90 14.84 0.36
N ILE A 253 0.27 14.75 1.01
CA ILE A 253 0.40 13.85 2.18
C ILE A 253 -0.44 14.40 3.34
N LYS A 254 -0.51 15.72 3.46
CA LYS A 254 -1.40 16.35 4.44
C LYS A 254 -2.88 16.06 4.17
N LYS A 255 -3.25 15.98 2.91
CA LYS A 255 -4.63 15.79 2.51
C LYS A 255 -5.00 14.30 2.53
N GLN A 256 -4.03 13.42 2.25
CA GLN A 256 -4.34 12.00 2.05
C GLN A 256 -4.01 11.08 3.23
N VAL A 257 -3.22 11.54 4.20
CA VAL A 257 -2.97 10.69 5.35
C VAL A 257 -3.37 11.34 6.66
N TYR A 258 -3.99 10.54 7.51
CA TYR A 258 -4.48 10.99 8.79
C TYR A 258 -3.33 11.15 9.77
N ALA A 259 -3.59 11.83 10.89
CA ALA A 259 -2.60 12.02 11.95
C ALA A 259 -2.09 10.70 12.55
N ASP A 260 -2.92 9.66 12.52
CA ASP A 260 -2.52 8.36 13.05
C ASP A 260 -1.64 7.59 12.06
N GLY A 261 -1.44 8.14 10.86
CA GLY A 261 -0.52 7.57 9.88
C GLY A 261 -1.17 6.76 8.78
N MET A 262 -2.48 6.54 8.88
CA MET A 262 -3.17 5.71 7.89
C MET A 262 -3.63 6.55 6.71
N GLN A 263 -3.55 5.95 5.54
CA GLN A 263 -3.91 6.62 4.30
C GLN A 263 -5.44 6.54 4.16
N PHE A 264 -6.04 7.64 3.70
CA PHE A 264 -7.49 7.85 3.78
C PHE A 264 -8.38 6.85 3.02
N GLU A 265 -7.82 6.03 2.13
CA GLU A 265 -8.64 5.05 1.41
C GLU A 265 -9.08 3.88 2.30
N LEU A 266 -8.43 3.72 3.45
CA LEU A 266 -8.77 2.69 4.44
C LEU A 266 -8.48 1.25 3.96
N SER A 267 -7.76 1.13 2.85
CA SER A 267 -7.34 -0.17 2.34
C SER A 267 -5.85 -0.38 2.64
N PRO A 268 -5.50 -1.43 3.39
CA PRO A 268 -4.12 -1.70 3.75
C PRO A 268 -3.16 -1.73 2.57
N ILE A 269 -3.55 -2.39 1.48
CA ILE A 269 -2.68 -2.49 0.31
C ILE A 269 -2.48 -1.15 -0.41
N TYR A 270 -3.49 -0.28 -0.40
CA TYR A 270 -3.32 1.06 -0.98
C TYR A 270 -2.50 1.97 -0.07
N HIS A 271 -2.62 1.78 1.24
CA HIS A 271 -1.77 2.48 2.18
C HIS A 271 -0.29 2.13 1.93
N VAL A 272 -0.01 0.84 1.71
CA VAL A 272 1.35 0.42 1.38
C VAL A 272 1.83 1.04 0.08
N ALA A 273 0.97 1.10 -0.95
CA ALA A 273 1.36 1.77 -2.21
C ALA A 273 1.74 3.22 -1.94
N ALA A 274 0.94 3.88 -1.11
CA ALA A 274 1.15 5.29 -0.80
C ALA A 274 2.49 5.53 -0.06
N ILE A 275 2.86 4.60 0.83
CA ILE A 275 4.16 4.71 1.49
C ILE A 275 5.28 4.80 0.46
N ASP A 276 5.24 3.93 -0.54
CA ASP A 276 6.24 3.92 -1.62
C ASP A 276 6.32 5.24 -2.37
N ILE A 277 5.17 5.79 -2.73
CA ILE A 277 5.16 7.09 -3.40
C ILE A 277 5.84 8.19 -2.56
N PHE A 278 5.48 8.29 -1.30
CA PHE A 278 5.96 9.39 -0.47
C PHE A 278 7.39 9.14 0.03
N LEU A 279 7.74 7.87 0.26
CA LEU A 279 9.07 7.55 0.81
C LEU A 279 10.17 7.52 -0.25
N LYS A 280 9.88 6.95 -1.41
CA LYS A 280 10.87 6.91 -2.48
C LYS A 280 11.32 8.32 -2.82
N ALA A 281 10.38 9.26 -2.90
CA ALA A 281 10.71 10.66 -3.17
C ALA A 281 11.80 11.15 -2.21
N TYR A 282 11.52 11.01 -0.92
CA TYR A 282 12.45 11.44 0.13
C TYR A 282 13.73 10.60 0.13
N GLY A 283 13.61 9.29 -0.10
CA GLY A 283 14.78 8.41 -0.09
C GLY A 283 15.83 8.80 -1.12
N SER A 284 15.37 9.13 -2.32
CA SER A 284 16.27 9.45 -3.41
C SER A 284 17.03 10.74 -3.14
N ALA A 285 16.33 11.72 -2.57
CA ALA A 285 16.96 12.97 -2.20
C ALA A 285 18.02 12.75 -1.12
N LYS A 286 17.66 11.97 -0.09
CA LYS A 286 18.57 11.70 1.00
C LYS A 286 19.88 11.01 0.54
N ARG A 287 19.80 10.19 -0.50
CA ARG A 287 20.99 9.51 -1.06
C ARG A 287 22.06 10.48 -1.60
N VAL A 288 21.65 11.70 -1.96
CA VAL A 288 22.59 12.70 -2.44
C VAL A 288 22.49 13.99 -1.62
N ASN A 289 22.13 13.81 -0.35
CA ASN A 289 22.17 14.88 0.64
C ASN A 289 21.33 16.12 0.33
N LEU A 290 20.09 15.92 -0.16
CA LEU A 290 19.17 17.03 -0.40
C LEU A 290 17.88 16.90 0.44
N GLU A 291 17.91 16.05 1.47
CA GLU A 291 16.74 15.81 2.32
C GLU A 291 16.27 17.05 3.10
N LYS A 292 17.19 17.96 3.40
CA LYS A 292 16.84 19.16 4.16
C LYS A 292 15.74 20.00 3.49
N GLU A 293 15.47 19.75 2.22
CA GLU A 293 14.45 20.49 1.48
C GLU A 293 13.03 20.02 1.83
N PHE A 294 12.91 18.80 2.37
CA PHE A 294 11.62 18.32 2.85
C PHE A 294 11.34 18.89 4.25
N PRO A 295 10.11 19.38 4.50
CA PRO A 295 9.78 19.80 5.86
C PRO A 295 9.71 18.62 6.82
N GLN A 296 9.98 18.86 8.10
CA GLN A 296 10.05 17.78 9.07
C GLN A 296 8.73 17.03 9.22
N SER A 297 7.60 17.72 9.06
CA SER A 297 6.29 17.06 9.20
C SER A 297 6.08 15.96 8.17
N TYR A 298 6.68 16.12 6.99
CA TYR A 298 6.57 15.14 5.91
C TYR A 298 7.35 13.90 6.29
N VAL A 299 8.58 14.09 6.76
CA VAL A 299 9.44 12.98 7.18
C VAL A 299 8.79 12.17 8.30
N GLN A 300 8.27 12.85 9.32
CA GLN A 300 7.53 12.22 10.43
C GLN A 300 6.28 11.46 9.96
N THR A 301 5.49 12.11 9.12
CA THR A 301 4.29 11.49 8.60
C THR A 301 4.64 10.17 7.91
N VAL A 302 5.63 10.20 7.02
CA VAL A 302 6.02 8.97 6.32
C VAL A 302 6.43 7.89 7.31
N GLU A 303 7.23 8.25 8.30
CA GLU A 303 7.64 7.26 9.31
C GLU A 303 6.42 6.72 10.03
N ASN A 304 5.48 7.61 10.33
CA ASN A 304 4.26 7.20 11.01
C ASN A 304 3.43 6.23 10.16
N MET A 305 3.43 6.41 8.84
CA MET A 305 2.70 5.50 7.95
C MET A 305 3.24 4.07 8.03
N ILE A 306 4.56 3.95 8.15
CA ILE A 306 5.19 2.64 8.31
C ILE A 306 4.79 2.03 9.65
N MET A 307 4.80 2.83 10.71
CA MET A 307 4.39 2.34 12.03
C MET A 307 2.90 1.94 12.05
N ALA A 308 2.07 2.72 11.36
CA ALA A 308 0.66 2.35 11.22
C ALA A 308 0.53 1.01 10.52
N LEU A 309 1.27 0.82 9.44
CA LEU A 309 1.29 -0.48 8.76
C LEU A 309 1.76 -1.59 9.71
N ILE A 310 2.83 -1.33 10.46
CA ILE A 310 3.33 -2.29 11.44
C ILE A 310 2.23 -2.67 12.44
N SER A 311 1.53 -1.67 12.98
CA SER A 311 0.47 -1.96 13.94
C SER A 311 -0.62 -2.89 13.40
N ILE A 312 -0.93 -2.82 12.10
CA ILE A 312 -1.94 -3.71 11.51
C ILE A 312 -1.35 -4.90 10.72
N SER A 313 -0.05 -5.12 10.86
CA SER A 313 0.59 -6.30 10.28
C SER A 313 0.38 -7.51 11.19
N LEU A 314 -0.12 -8.59 10.60
CA LEU A 314 -0.30 -9.87 11.27
C LEU A 314 1.05 -10.65 11.25
N PRO A 315 1.19 -11.68 12.10
CA PRO A 315 2.46 -12.43 12.18
C PRO A 315 2.95 -13.09 10.88
N ASP A 316 2.05 -13.33 9.93
CA ASP A 316 2.44 -13.89 8.64
C ASP A 316 2.88 -12.80 7.65
N TYR A 317 2.97 -11.56 8.14
CA TYR A 317 3.30 -10.37 7.33
C TYR A 317 2.13 -9.81 6.50
N ASN A 318 0.97 -10.44 6.55
CA ASN A 318 -0.19 -9.95 5.85
C ASN A 318 -0.93 -8.87 6.64
N THR A 319 -1.74 -8.10 5.92
CA THR A 319 -2.64 -7.14 6.55
C THR A 319 -4.05 -7.64 6.36
N PRO A 320 -4.96 -7.28 7.27
CA PRO A 320 -6.32 -7.80 7.08
C PRO A 320 -6.89 -7.33 5.74
N MET A 321 -7.69 -8.17 5.11
CA MET A 321 -8.18 -7.88 3.77
C MET A 321 -9.44 -7.02 3.81
N PHE A 322 -9.32 -5.84 4.41
CA PHE A 322 -10.43 -4.91 4.51
C PHE A 322 -10.63 -4.20 3.18
N GLY A 323 -11.89 -3.98 2.80
CA GLY A 323 -12.22 -3.35 1.52
C GLY A 323 -11.53 -4.05 0.36
N ASP A 324 -10.91 -3.26 -0.51
CA ASP A 324 -10.11 -3.80 -1.61
C ASP A 324 -8.68 -4.00 -1.13
N SER A 325 -8.44 -5.15 -0.53
CA SER A 325 -7.11 -5.48 -0.09
C SER A 325 -7.01 -6.99 -0.13
N TRP A 326 -5.79 -7.50 -0.14
CA TRP A 326 -5.56 -8.92 -0.36
C TRP A 326 -4.27 -9.35 0.32
N ILE A 327 -4.02 -10.65 0.36
CA ILE A 327 -2.80 -11.16 0.95
C ILE A 327 -1.63 -10.90 0.00
N THR A 328 -0.42 -10.87 0.54
CA THR A 328 0.77 -10.46 -0.21
C THR A 328 1.95 -11.37 0.09
N ASP A 329 3.02 -11.22 -0.68
CA ASP A 329 4.22 -12.04 -0.51
C ASP A 329 5.12 -11.50 0.60
N LYS A 330 5.40 -12.37 1.57
CA LYS A 330 6.24 -12.02 2.73
C LYS A 330 7.65 -11.56 2.36
N ASN A 331 8.28 -12.25 1.39
CA ASN A 331 9.64 -11.91 0.98
C ASN A 331 9.69 -10.55 0.31
N PHE A 332 8.72 -10.26 -0.55
CA PHE A 332 8.64 -8.93 -1.15
C PHE A 332 8.34 -7.86 -0.08
N ARG A 333 7.50 -8.19 0.89
CA ARG A 333 7.18 -7.25 1.98
C ARG A 333 8.40 -6.97 2.85
N MET A 334 9.21 -7.99 3.13
CA MET A 334 10.45 -7.79 3.89
C MET A 334 11.44 -6.89 3.13
N ALA A 335 11.50 -7.06 1.82
CA ALA A 335 12.38 -6.25 0.98
C ALA A 335 11.94 -4.79 0.98
N GLN A 336 10.63 -4.56 0.99
CA GLN A 336 10.11 -3.20 1.14
C GLN A 336 10.58 -2.58 2.46
N PHE A 337 10.38 -3.31 3.56
CA PHE A 337 10.83 -2.88 4.91
C PHE A 337 12.32 -2.62 5.00
N ALA A 338 13.11 -3.47 4.35
CA ALA A 338 14.58 -3.32 4.33
C ALA A 338 14.98 -2.03 3.64
N SER A 339 14.24 -1.67 2.59
CA SER A 339 14.52 -0.43 1.86
C SER A 339 14.09 0.76 2.70
N TRP A 340 13.01 0.58 3.46
CA TRP A 340 12.53 1.62 4.36
C TRP A 340 13.51 1.82 5.50
N ALA A 341 14.07 0.72 6.00
CA ALA A 341 15.09 0.77 7.05
C ALA A 341 16.32 1.60 6.63
N ARG A 342 16.63 1.56 5.35
CA ARG A 342 17.71 2.35 4.76
C ARG A 342 17.45 3.84 4.94
N VAL A 343 16.17 4.23 4.84
CA VAL A 343 15.76 5.62 4.99
C VAL A 343 15.66 6.02 6.46
N PHE A 344 15.22 5.10 7.31
CA PHE A 344 15.11 5.33 8.76
C PHE A 344 16.01 4.40 9.57
N PRO A 345 17.33 4.53 9.41
CA PRO A 345 18.25 3.53 10.00
C PRO A 345 18.12 3.36 11.51
N ALA A 346 17.72 4.42 12.21
CA ALA A 346 17.57 4.39 13.65
C ALA A 346 16.32 3.65 14.14
N ASN A 347 15.42 3.29 13.24
CA ASN A 347 14.16 2.67 13.64
C ASN A 347 14.29 1.16 13.83
N GLN A 348 14.19 0.71 15.07
CA GLN A 348 14.47 -0.68 15.41
C GLN A 348 13.30 -1.59 15.01
N ALA A 349 12.08 -1.08 15.22
CA ALA A 349 10.86 -1.73 14.74
C ALA A 349 10.90 -2.05 13.25
N ILE A 350 11.30 -1.06 12.45
CA ILE A 350 11.40 -1.23 11.00
C ILE A 350 12.48 -2.24 10.61
N LYS A 351 13.62 -2.18 11.29
CA LYS A 351 14.69 -3.16 11.13
C LYS A 351 14.18 -4.56 11.49
N TYR A 352 13.42 -4.66 12.57
CA TYR A 352 12.80 -5.93 12.99
C TYR A 352 11.92 -6.56 11.92
N PHE A 353 11.07 -5.74 11.30
CA PHE A 353 10.21 -6.23 10.21
C PHE A 353 11.00 -6.55 8.95
N ALA A 354 12.02 -5.75 8.66
CA ALA A 354 12.95 -6.00 7.57
C ALA A 354 13.66 -7.34 7.66
N THR A 355 13.95 -7.80 8.88
CA THR A 355 14.77 -9.00 9.10
C THR A 355 14.01 -10.12 9.82
N ASP A 356 12.69 -10.16 9.66
CA ASP A 356 11.87 -11.23 10.21
C ASP A 356 12.18 -11.54 11.68
N GLY A 357 12.47 -10.51 12.46
CA GLY A 357 12.76 -10.68 13.88
C GLY A 357 14.20 -11.00 14.28
N LYS A 358 15.08 -11.26 13.31
CA LYS A 358 16.48 -11.58 13.63
C LYS A 358 17.23 -10.37 14.20
N GLN A 359 17.00 -9.20 13.61
CA GLN A 359 17.63 -7.96 14.07
C GLN A 359 16.59 -6.90 14.47
N GLY A 360 17.06 -5.75 14.94
CA GLY A 360 16.20 -4.72 15.49
C GLY A 360 15.56 -5.14 16.80
N LYS A 361 14.56 -4.38 17.23
CA LYS A 361 13.76 -4.72 18.41
C LYS A 361 12.30 -4.64 18.04
N ALA A 362 11.49 -5.47 18.71
CA ALA A 362 10.06 -5.49 18.47
C ALA A 362 9.49 -4.09 18.69
N PRO A 363 8.39 -3.78 17.99
CA PRO A 363 7.82 -2.45 18.21
C PRO A 363 7.55 -2.15 19.70
N ASN A 364 7.57 -0.87 19.99
CA ASN A 364 7.49 -0.29 21.33
C ASN A 364 6.09 -0.37 22.00
N PHE A 365 5.23 -1.23 21.50
CA PHE A 365 3.84 -1.23 21.94
C PHE A 365 3.20 -2.55 21.59
N LEU A 366 2.10 -2.85 22.27
CA LEU A 366 1.33 -4.03 22.01
C LEU A 366 0.03 -3.54 21.32
N SER A 367 -1.12 -3.69 21.97
CA SER A 367 -2.38 -3.25 21.39
C SER A 367 -2.31 -1.76 21.12
N LYS A 368 -2.79 -1.33 19.95
CA LYS A 368 -2.77 0.08 19.60
C LYS A 368 -3.97 0.51 18.77
N ALA A 369 -4.43 1.73 19.01
CA ALA A 369 -5.50 2.31 18.22
C ALA A 369 -4.93 3.28 17.18
N LEU A 370 -5.34 3.09 15.93
CA LEU A 370 -5.23 4.15 14.93
C LEU A 370 -6.61 4.80 14.87
N SER A 371 -6.81 5.86 15.65
CA SER A 371 -8.13 6.41 15.96
C SER A 371 -8.76 7.34 14.92
N ASN A 372 -7.99 7.77 13.93
CA ASN A 372 -8.51 8.63 12.85
C ASN A 372 -9.08 7.76 11.76
N ALA A 373 -8.29 6.79 11.28
CA ALA A 373 -8.78 5.75 10.37
C ALA A 373 -9.65 4.69 11.04
N GLY A 374 -9.55 4.56 12.37
CA GLY A 374 -10.35 3.60 13.10
C GLY A 374 -9.94 2.14 12.88
N PHE A 375 -8.64 1.91 12.90
CA PHE A 375 -8.09 0.55 12.91
C PHE A 375 -7.58 0.24 14.30
N TYR A 376 -8.11 -0.82 14.91
CA TYR A 376 -7.74 -1.14 16.27
C TYR A 376 -7.08 -2.51 16.29
N THR A 377 -5.86 -2.57 16.84
CA THR A 377 -5.15 -3.84 16.99
C THR A 377 -5.11 -4.28 18.45
N PHE A 378 -5.61 -5.48 18.69
CA PHE A 378 -5.38 -6.20 19.95
C PHE A 378 -4.30 -7.25 19.68
N ARG A 379 -3.17 -7.17 20.38
CA ARG A 379 -2.11 -8.20 20.23
C ARG A 379 -1.49 -8.61 21.56
N SER A 380 -1.16 -9.90 21.66
CA SER A 380 -0.44 -10.44 22.82
C SER A 380 1.06 -10.20 22.67
N GLY A 381 1.51 -10.04 21.43
CA GLY A 381 2.92 -9.80 21.12
C GLY A 381 3.15 -9.67 19.62
N TRP A 382 4.42 -9.73 19.22
CA TRP A 382 4.81 -9.60 17.84
C TRP A 382 5.40 -10.88 17.25
N ASP A 383 5.65 -11.87 18.11
CA ASP A 383 6.18 -13.18 17.73
C ASP A 383 5.24 -13.96 16.82
N LYS A 384 5.77 -15.04 16.25
CA LYS A 384 5.04 -15.84 15.27
C LYS A 384 3.82 -16.55 15.84
N ASN A 385 3.78 -16.72 17.17
CA ASN A 385 2.66 -17.36 17.86
C ASN A 385 1.77 -16.43 18.68
N ALA A 386 1.86 -15.13 18.43
CA ALA A 386 0.99 -14.17 19.09
C ALA A 386 -0.47 -14.38 18.69
N THR A 387 -1.36 -13.94 19.57
CA THR A 387 -2.76 -13.77 19.24
C THR A 387 -2.94 -12.31 18.82
N VAL A 388 -3.46 -12.10 17.61
CA VAL A 388 -3.62 -10.75 17.04
C VAL A 388 -4.99 -10.58 16.38
N MET A 389 -5.76 -9.59 16.86
CA MET A 389 -6.99 -9.16 16.21
C MET A 389 -6.82 -7.75 15.67
N VAL A 390 -7.14 -7.55 14.39
CA VAL A 390 -7.19 -6.20 13.81
C VAL A 390 -8.64 -5.91 13.41
N LEU A 391 -9.19 -4.81 13.95
CA LEU A 391 -10.59 -4.49 13.78
C LEU A 391 -10.77 -3.11 13.14
N LYS A 392 -11.74 -3.02 12.23
CA LYS A 392 -12.04 -1.79 11.52
C LYS A 392 -13.36 -1.19 11.99
N ALA A 393 -13.28 0.00 12.57
CA ALA A 393 -14.46 0.84 12.82
C ALA A 393 -14.05 2.22 12.36
N SER A 394 -14.25 2.48 11.07
CA SER A 394 -13.64 3.64 10.41
C SER A 394 -14.62 4.78 10.15
N PRO A 395 -14.12 5.93 9.69
CA PRO A 395 -14.92 6.91 8.96
C PRO A 395 -15.19 6.43 7.55
N PRO A 396 -15.83 7.25 6.70
CA PRO A 396 -16.12 6.76 5.35
C PRO A 396 -14.89 6.70 4.45
N GLY A 397 -14.83 5.71 3.58
CA GLY A 397 -13.84 5.68 2.52
C GLY A 397 -14.49 6.01 1.19
N GLU A 398 -13.96 5.43 0.12
CA GLU A 398 -14.50 5.62 -1.23
C GLU A 398 -14.64 4.24 -1.88
N PHE A 399 -14.08 4.03 -3.08
CA PHE A 399 -14.33 2.78 -3.81
C PHE A 399 -13.69 1.57 -3.13
N HIS A 400 -12.53 1.76 -2.51
CA HIS A 400 -11.75 0.65 -1.95
C HIS A 400 -12.13 0.32 -0.50
N ALA A 401 -13.22 0.91 -0.02
CA ALA A 401 -13.79 0.62 1.30
C ALA A 401 -15.20 0.06 1.15
N GLN A 402 -15.69 -0.57 2.23
CA GLN A 402 -16.95 -1.31 2.23
C GLN A 402 -17.74 -0.97 3.49
N PRO A 403 -19.04 -1.31 3.53
CA PRO A 403 -19.83 -1.09 4.75
C PRO A 403 -19.66 -2.28 5.71
N ASP A 404 -18.50 -2.29 6.38
CA ASP A 404 -18.07 -3.44 7.17
C ASP A 404 -17.71 -3.09 8.61
N ASN A 405 -18.08 -1.90 9.08
CA ASN A 405 -17.71 -1.47 10.41
C ASN A 405 -18.03 -2.54 11.46
N GLY A 406 -17.01 -2.89 12.23
CA GLY A 406 -17.08 -3.94 13.24
C GLY A 406 -16.22 -5.14 12.89
N THR A 407 -16.02 -5.39 11.60
CA THR A 407 -15.37 -6.60 11.14
C THR A 407 -13.92 -6.70 11.61
N PHE A 408 -13.42 -7.93 11.73
CA PHE A 408 -12.07 -8.14 12.24
C PHE A 408 -11.42 -9.39 11.68
N GLU A 409 -10.09 -9.40 11.65
CA GLU A 409 -9.34 -10.63 11.42
C GLU A 409 -8.65 -11.04 12.71
N LEU A 410 -8.78 -12.33 13.05
CA LEU A 410 -8.26 -12.87 14.30
C LEU A 410 -7.27 -13.98 13.98
N PHE A 411 -5.99 -13.69 14.22
CA PHE A 411 -4.87 -14.55 13.88
C PHE A 411 -4.34 -15.16 15.16
N ILE A 412 -4.40 -16.48 15.29
CA ILE A 412 -3.93 -17.18 16.49
C ILE A 412 -2.97 -18.30 16.13
N LYS A 413 -1.85 -18.33 16.83
CA LYS A 413 -0.86 -19.40 16.73
C LYS A 413 -0.62 -19.86 15.31
N GLY A 414 -0.26 -18.91 14.45
CA GLY A 414 0.13 -19.19 13.08
C GLY A 414 -1.02 -19.35 12.10
N ARG A 415 -2.25 -19.17 12.56
CA ARG A 415 -3.42 -19.35 11.69
C ARG A 415 -4.37 -18.15 11.76
N ASN A 416 -4.86 -17.73 10.60
CA ASN A 416 -5.90 -16.71 10.52
C ASN A 416 -7.29 -17.36 10.53
N PHE A 417 -7.99 -17.23 11.66
CA PHE A 417 -9.26 -17.91 11.84
C PHE A 417 -10.45 -17.20 11.20
N THR A 418 -10.34 -15.90 10.94
CA THR A 418 -11.52 -15.12 10.50
C THR A 418 -11.13 -14.18 9.34
N PRO A 419 -10.59 -14.76 8.27
CA PRO A 419 -10.17 -13.92 7.17
C PRO A 419 -11.36 -13.18 6.58
N ASP A 420 -11.15 -11.91 6.27
CA ASP A 420 -12.17 -11.10 5.62
C ASP A 420 -12.50 -11.72 4.27
N ALA A 421 -13.74 -11.51 3.82
CA ALA A 421 -14.16 -12.10 2.55
C ALA A 421 -13.28 -11.60 1.40
N GLY A 422 -12.85 -10.34 1.49
CA GLY A 422 -11.99 -9.75 0.48
C GLY A 422 -12.72 -9.16 -0.71
N VAL A 423 -11.99 -8.97 -1.81
CA VAL A 423 -12.49 -8.23 -2.98
C VAL A 423 -13.12 -9.16 -4.00
N PHE A 424 -12.33 -10.15 -4.43
CA PHE A 424 -12.63 -11.03 -5.55
C PHE A 424 -12.43 -10.37 -6.93
N VAL A 425 -13.14 -9.27 -7.19
CA VAL A 425 -13.00 -8.56 -8.48
C VAL A 425 -13.39 -7.08 -8.37
N TYR A 426 -12.78 -6.24 -9.23
CA TYR A 426 -13.15 -4.82 -9.35
C TYR A 426 -14.41 -4.67 -10.23
N SER A 427 -14.75 -3.43 -10.57
CA SER A 427 -15.92 -3.17 -11.42
C SER A 427 -15.83 -3.77 -12.83
N GLY A 428 -17.00 -3.91 -13.45
CA GLY A 428 -17.14 -4.43 -14.81
C GLY A 428 -18.58 -4.35 -15.26
N ASP A 429 -18.97 -5.23 -16.19
CA ASP A 429 -20.36 -5.31 -16.64
C ASP A 429 -21.28 -5.78 -15.50
N GLU A 430 -22.59 -5.78 -15.74
CA GLU A 430 -23.58 -6.12 -14.71
C GLU A 430 -23.28 -7.44 -13.99
N ALA A 431 -22.87 -8.46 -14.73
CA ALA A 431 -22.55 -9.78 -14.16
C ALA A 431 -21.35 -9.72 -13.20
N ILE A 432 -20.34 -8.94 -13.59
CA ILE A 432 -19.13 -8.76 -12.78
C ILE A 432 -19.42 -7.89 -11.55
N MET A 433 -20.35 -6.95 -11.69
CA MET A 433 -20.72 -6.06 -10.59
C MET A 433 -21.44 -6.78 -9.46
N LYS A 434 -22.29 -7.74 -9.79
CA LYS A 434 -23.02 -8.50 -8.76
C LYS A 434 -22.12 -9.49 -8.02
N LEU A 435 -21.04 -9.94 -8.69
CA LEU A 435 -19.98 -10.68 -8.00
C LEU A 435 -19.30 -9.78 -6.97
N ARG A 436 -18.98 -8.55 -7.37
CA ARG A 436 -18.33 -7.57 -6.48
C ARG A 436 -19.26 -7.08 -5.35
N ASN A 437 -20.50 -6.77 -5.69
CA ASN A 437 -21.48 -6.31 -4.67
C ASN A 437 -21.76 -7.37 -3.59
N TRP A 438 -21.71 -8.65 -3.95
CA TRP A 438 -21.84 -9.73 -2.97
C TRP A 438 -20.77 -9.59 -1.89
N TYR A 439 -19.52 -9.35 -2.30
CA TYR A 439 -18.42 -9.18 -1.38
C TYR A 439 -18.47 -7.87 -0.56
N ARG A 440 -19.23 -6.89 -1.02
CA ARG A 440 -19.39 -5.63 -0.28
C ARG A 440 -20.52 -5.68 0.75
N GLN A 441 -21.21 -6.82 0.84
CA GLN A 441 -22.31 -6.96 1.79
C GLN A 441 -21.85 -6.90 3.23
N THR A 442 -22.58 -6.15 4.05
CA THR A 442 -22.33 -6.10 5.48
C THR A 442 -22.48 -7.49 6.10
N ARG A 443 -23.57 -8.17 5.76
CA ARG A 443 -23.92 -9.46 6.36
C ARG A 443 -22.84 -10.53 6.27
N ILE A 444 -21.96 -10.43 5.28
CA ILE A 444 -20.88 -11.41 5.16
C ILE A 444 -19.62 -11.02 5.94
N HIS A 445 -19.69 -9.91 6.69
CA HIS A 445 -18.61 -9.50 7.60
C HIS A 445 -19.01 -9.73 9.06
N SER A 446 -18.04 -9.54 9.95
CA SER A 446 -18.20 -9.85 11.37
C SER A 446 -18.72 -8.66 12.18
N THR A 447 -20.00 -8.37 11.99
CA THR A 447 -20.64 -7.23 12.63
C THR A 447 -22.15 -7.44 12.67
N LEU A 448 -22.89 -6.47 13.16
CA LEU A 448 -24.33 -6.59 13.33
C LEU A 448 -25.11 -6.02 12.14
N THR A 449 -26.19 -6.70 11.77
CA THR A 449 -27.15 -6.19 10.80
C THR A 449 -28.56 -6.11 11.38
N LEU A 450 -29.40 -5.30 10.73
CA LEU A 450 -30.85 -5.30 10.92
C LEU A 450 -31.42 -5.83 9.62
N ASP A 451 -32.18 -6.93 9.71
CA ASP A 451 -32.77 -7.59 8.53
C ASP A 451 -31.73 -7.85 7.44
N ASN A 452 -30.51 -8.21 7.85
CA ASN A 452 -29.42 -8.53 6.93
C ASN A 452 -29.10 -7.44 5.90
N GLN A 453 -29.47 -6.21 6.23
CA GLN A 453 -29.29 -5.10 5.32
C GLN A 453 -27.93 -4.45 5.53
N ASN A 454 -27.41 -3.88 4.46
CA ASN A 454 -26.16 -3.14 4.54
C ASN A 454 -26.33 -1.95 5.45
N MET A 455 -25.30 -1.67 6.25
CA MET A 455 -25.25 -0.42 6.98
C MET A 455 -25.12 0.68 5.93
N VAL A 456 -25.73 1.84 6.18
CA VAL A 456 -25.77 2.92 5.17
C VAL A 456 -24.48 3.76 5.13
N ILE A 457 -23.67 3.66 6.18
CA ILE A 457 -22.39 4.36 6.25
C ILE A 457 -21.46 3.72 7.28
N THR A 458 -20.15 3.92 7.09
CA THR A 458 -19.18 3.69 8.17
C THR A 458 -18.72 5.04 8.67
N LYS A 459 -19.30 5.47 9.79
CA LYS A 459 -18.92 6.71 10.44
C LYS A 459 -18.86 6.42 11.95
N ALA A 460 -17.85 5.68 12.34
CA ALA A 460 -17.68 5.27 13.73
C ALA A 460 -17.34 6.47 14.60
N ARG A 461 -17.93 6.53 15.79
CA ARG A 461 -17.46 7.40 16.85
C ARG A 461 -16.85 6.51 17.92
N GLN A 462 -15.63 6.82 18.31
CA GLN A 462 -14.94 6.10 19.36
C GLN A 462 -15.43 6.56 20.73
N ASN A 463 -16.01 5.65 21.51
CA ASN A 463 -16.53 5.97 22.84
C ASN A 463 -15.49 5.69 23.92
N LYS A 464 -14.66 4.68 23.70
CA LYS A 464 -13.60 4.35 24.63
C LYS A 464 -12.48 3.57 23.92
N TRP A 465 -11.25 3.93 24.21
CA TRP A 465 -10.10 3.09 23.90
C TRP A 465 -9.12 3.13 25.06
N GLU A 466 -8.82 1.96 25.63
CA GLU A 466 -7.86 1.89 26.72
C GLU A 466 -7.10 0.58 26.62
N THR A 467 -5.79 0.64 26.76
CA THR A 467 -4.96 -0.56 26.77
C THR A 467 -4.59 -0.95 28.19
N GLY A 468 -4.29 -2.23 28.38
CA GLY A 468 -3.85 -2.72 29.68
C GLY A 468 -3.18 -4.08 29.58
N ASN A 469 -2.35 -4.36 30.57
CA ASN A 469 -1.62 -5.63 30.67
C ASN A 469 -2.50 -6.84 30.42
N ASN A 470 -3.63 -6.93 31.13
CA ASN A 470 -4.58 -8.02 30.95
C ASN A 470 -6.01 -7.58 30.58
N LEU A 471 -6.15 -6.33 30.15
CA LEU A 471 -7.41 -5.89 29.57
C LEU A 471 -7.20 -4.75 28.59
N ASP A 472 -7.64 -4.96 27.35
CA ASP A 472 -7.76 -3.88 26.37
C ASP A 472 -9.24 -3.75 26.09
N VAL A 473 -9.73 -2.52 25.99
CA VAL A 473 -11.15 -2.25 25.73
C VAL A 473 -11.34 -1.25 24.60
N LEU A 474 -12.08 -1.66 23.58
CA LEU A 474 -12.61 -0.75 22.58
C LEU A 474 -14.13 -0.67 22.69
N THR A 475 -14.65 0.54 22.64
CA THR A 475 -16.07 0.76 22.42
C THR A 475 -16.23 1.87 21.38
N TYR A 476 -17.06 1.61 20.37
CA TYR A 476 -17.44 2.61 19.39
C TYR A 476 -18.92 2.44 19.06
N THR A 477 -19.48 3.43 18.39
CA THR A 477 -20.87 3.38 17.92
C THR A 477 -20.91 3.77 16.44
N ASN A 478 -21.63 2.98 15.65
CA ASN A 478 -21.83 3.27 14.24
C ASN A 478 -23.29 3.61 14.00
N PRO A 479 -23.57 4.72 13.26
CA PRO A 479 -24.95 4.99 12.86
C PRO A 479 -25.29 4.14 11.64
N SER A 480 -25.49 2.86 11.86
CA SER A 480 -25.59 1.88 10.78
C SER A 480 -26.86 2.04 9.96
N TYR A 481 -27.94 2.43 10.62
CA TYR A 481 -29.24 2.62 9.95
C TYR A 481 -29.90 3.88 10.51
N PRO A 482 -30.86 4.46 9.76
CA PRO A 482 -31.40 5.79 10.14
C PRO A 482 -31.93 5.85 11.56
N ASN A 483 -32.63 4.79 11.98
CA ASN A 483 -33.19 4.68 13.32
C ASN A 483 -32.51 3.64 14.22
N LEU A 484 -31.38 3.07 13.78
CA LEU A 484 -30.64 2.08 14.57
C LEU A 484 -29.14 2.34 14.63
N ASP A 485 -28.65 2.71 15.81
CA ASP A 485 -27.21 2.79 16.08
C ASP A 485 -26.72 1.42 16.52
N HIS A 486 -25.50 1.07 16.12
CA HIS A 486 -24.85 -0.16 16.55
C HIS A 486 -23.63 0.17 17.42
N GLN A 487 -23.70 -0.19 18.70
CA GLN A 487 -22.58 0.00 19.61
C GLN A 487 -21.89 -1.36 19.81
N ARG A 488 -20.59 -1.41 19.53
CA ARG A 488 -19.83 -2.62 19.78
C ARG A 488 -18.71 -2.34 20.75
N SER A 489 -18.54 -3.22 21.73
CA SER A 489 -17.37 -3.19 22.61
C SER A 489 -16.60 -4.48 22.44
N VAL A 490 -15.27 -4.40 22.45
CA VAL A 490 -14.43 -5.59 22.38
C VAL A 490 -13.44 -5.53 23.54
N LEU A 491 -13.41 -6.58 24.35
CA LEU A 491 -12.50 -6.66 25.49
C LEU A 491 -11.54 -7.81 25.24
N PHE A 492 -10.25 -7.49 25.15
CA PHE A 492 -9.21 -8.50 24.96
C PHE A 492 -8.71 -8.85 26.35
N ILE A 493 -9.04 -10.05 26.81
CA ILE A 493 -8.88 -10.41 28.22
C ILE A 493 -7.72 -11.39 28.40
N ASN A 494 -6.83 -11.06 29.33
CA ASN A 494 -5.69 -11.92 29.68
C ASN A 494 -4.79 -12.26 28.49
N LYS A 495 -4.68 -11.30 27.56
CA LYS A 495 -3.98 -11.50 26.29
C LYS A 495 -4.34 -12.79 25.56
N LYS A 496 -5.55 -13.29 25.77
CA LYS A 496 -5.90 -14.61 25.27
C LYS A 496 -7.20 -14.65 24.46
N TYR A 497 -8.26 -14.05 24.99
CA TYR A 497 -9.58 -14.22 24.42
C TYR A 497 -10.36 -12.92 24.46
N PHE A 498 -11.52 -12.93 23.80
CA PHE A 498 -12.28 -11.70 23.58
C PHE A 498 -13.73 -11.84 24.02
N LEU A 499 -14.22 -10.81 24.68
CA LEU A 499 -15.65 -10.67 24.93
C LEU A 499 -16.14 -9.57 24.03
N VAL A 500 -17.19 -9.87 23.25
CA VAL A 500 -17.72 -8.93 22.28
C VAL A 500 -19.14 -8.54 22.67
N ILE A 501 -19.36 -7.25 22.92
CA ILE A 501 -20.67 -6.74 23.35
C ILE A 501 -21.27 -5.92 22.20
N ASP A 502 -22.43 -6.35 21.69
CA ASP A 502 -23.12 -5.64 20.60
C ASP A 502 -24.48 -5.13 21.03
N ARG A 503 -24.72 -3.83 20.86
CA ARG A 503 -25.99 -3.22 21.25
C ARG A 503 -26.66 -2.52 20.07
N ALA A 504 -27.91 -2.90 19.81
CA ALA A 504 -28.75 -2.26 18.79
C ALA A 504 -29.66 -1.26 19.48
N ILE A 505 -29.41 0.03 19.23
CA ILE A 505 -30.06 1.11 19.99
C ILE A 505 -30.84 2.06 19.06
N GLY A 506 -32.13 2.20 19.34
CA GLY A 506 -33.01 3.12 18.59
C GLY A 506 -34.40 2.55 18.39
N GLU A 507 -35.15 3.15 17.46
CA GLU A 507 -36.57 2.83 17.29
C GLU A 507 -36.84 1.65 16.39
N ALA A 508 -36.01 1.46 15.37
CA ALA A 508 -36.24 0.41 14.38
C ALA A 508 -36.50 -0.95 15.01
N THR A 509 -37.31 -1.76 14.32
CA THR A 509 -37.57 -3.12 14.75
C THR A 509 -37.25 -4.07 13.60
N GLY A 510 -37.03 -5.34 13.94
CA GLY A 510 -36.73 -6.35 12.94
C GLY A 510 -35.81 -7.44 13.48
N ASN A 511 -35.17 -8.14 12.55
CA ASN A 511 -34.26 -9.22 12.88
C ASN A 511 -32.83 -8.73 13.11
N LEU A 512 -32.38 -8.80 14.35
CA LEU A 512 -30.99 -8.46 14.68
C LEU A 512 -30.12 -9.69 14.48
N GLY A 513 -29.01 -9.50 13.78
CA GLY A 513 -28.07 -10.57 13.51
C GLY A 513 -26.65 -10.13 13.75
N VAL A 514 -25.90 -10.91 14.53
CA VAL A 514 -24.47 -10.71 14.68
C VAL A 514 -23.77 -11.84 13.94
N HIS A 515 -23.05 -11.50 12.88
CA HIS A 515 -22.53 -12.48 11.92
C HIS A 515 -21.06 -12.81 12.18
N TRP A 516 -20.63 -14.00 11.76
CA TRP A 516 -19.27 -14.45 11.97
C TRP A 516 -18.81 -15.31 10.81
N GLN A 517 -17.51 -15.28 10.52
CA GLN A 517 -16.93 -16.08 9.45
C GLN A 517 -15.61 -16.74 9.85
N LEU A 518 -15.30 -17.87 9.23
CA LEU A 518 -14.12 -18.64 9.59
C LEU A 518 -13.32 -19.07 8.37
N LYS A 519 -12.12 -19.58 8.62
CA LYS A 519 -11.20 -20.06 7.57
C LYS A 519 -11.80 -21.28 6.85
N GLU A 520 -11.44 -21.42 5.58
CA GLU A 520 -12.03 -22.43 4.68
C GLU A 520 -11.88 -23.88 5.12
N ASP A 521 -10.84 -24.17 5.87
CA ASP A 521 -10.51 -25.54 6.24
C ASP A 521 -10.75 -25.84 7.71
N SER A 522 -11.63 -25.06 8.36
CA SER A 522 -11.82 -25.14 9.82
C SER A 522 -12.88 -26.15 10.22
N ASN A 523 -13.71 -26.55 9.25
CA ASN A 523 -14.67 -27.64 9.43
C ASN A 523 -15.42 -27.59 10.75
N PRO A 524 -16.06 -26.45 11.02
CA PRO A 524 -16.63 -26.22 12.35
C PRO A 524 -17.84 -27.08 12.69
N VAL A 525 -18.08 -27.20 13.99
CA VAL A 525 -19.29 -27.78 14.54
C VAL A 525 -20.20 -26.63 14.90
N PHE A 526 -21.47 -26.72 14.52
CA PHE A 526 -22.46 -25.72 14.92
C PHE A 526 -23.32 -26.38 15.95
N ASP A 527 -23.38 -25.79 17.14
CA ASP A 527 -24.02 -26.40 18.29
C ASP A 527 -25.16 -25.53 18.76
N LYS A 528 -26.37 -25.86 18.31
CA LYS A 528 -27.55 -25.01 18.52
C LYS A 528 -28.13 -25.15 19.93
N THR A 529 -27.71 -26.17 20.65
CA THR A 529 -28.09 -26.34 22.05
C THR A 529 -27.43 -25.30 22.96
N LYS A 530 -26.16 -25.00 22.71
CA LYS A 530 -25.42 -24.03 23.51
C LYS A 530 -25.09 -22.74 22.75
N ASN A 531 -25.56 -22.65 21.49
CA ASN A 531 -25.28 -21.52 20.62
C ASN A 531 -23.78 -21.22 20.56
N ARG A 532 -23.00 -22.24 20.24
CA ARG A 532 -21.57 -22.10 20.11
C ARG A 532 -21.12 -22.75 18.84
N VAL A 533 -20.02 -22.25 18.30
CA VAL A 533 -19.40 -22.83 17.11
C VAL A 533 -17.93 -23.04 17.41
N TYR A 534 -17.38 -24.19 17.02
CA TYR A 534 -15.95 -24.43 17.23
C TYR A 534 -15.28 -25.22 16.12
N THR A 535 -14.06 -24.81 15.83
CA THR A 535 -13.24 -25.42 14.80
C THR A 535 -12.77 -26.80 15.23
N THR A 536 -12.47 -27.66 14.26
CA THR A 536 -12.07 -29.05 14.52
C THR A 536 -10.71 -29.40 13.89
N TYR A 537 -9.72 -28.52 14.06
CA TYR A 537 -8.41 -28.72 13.45
C TYR A 537 -7.66 -29.86 14.15
N ARG A 538 -7.05 -30.72 13.34
CA ARG A 538 -6.27 -31.85 13.85
C ARG A 538 -5.14 -31.42 14.77
N ASP A 539 -4.54 -30.25 14.50
CA ASP A 539 -3.35 -29.80 15.21
C ASP A 539 -3.58 -29.23 16.62
N GLY A 540 -4.85 -29.07 17.03
CA GLY A 540 -5.17 -28.61 18.39
C GLY A 540 -5.25 -27.09 18.58
N ASN A 541 -4.94 -26.32 17.54
CA ASN A 541 -5.10 -24.86 17.56
C ASN A 541 -6.52 -24.51 17.10
N ASN A 542 -7.42 -24.30 18.05
CA ASN A 542 -8.84 -24.18 17.75
C ASN A 542 -9.48 -22.93 18.35
N LEU A 543 -10.70 -22.65 17.92
CA LEU A 543 -11.40 -21.43 18.31
C LEU A 543 -12.87 -21.72 18.55
N MET A 544 -13.43 -21.17 19.63
CA MET A 544 -14.87 -21.24 19.88
C MET A 544 -15.47 -19.84 19.77
N ILE A 545 -16.64 -19.75 19.13
CA ILE A 545 -17.43 -18.53 19.19
C ILE A 545 -18.78 -18.95 19.75
N GLN A 546 -19.16 -18.32 20.85
CA GLN A 546 -20.34 -18.72 21.58
C GLN A 546 -21.14 -17.49 21.95
N SER A 547 -22.46 -17.57 21.76
CA SER A 547 -23.40 -16.56 22.22
C SER A 547 -23.70 -16.81 23.68
N LEU A 548 -23.64 -15.77 24.51
CA LEU A 548 -23.82 -15.89 25.96
C LEU A 548 -25.08 -15.18 26.44
N ASN A 549 -25.91 -14.75 25.49
CA ASN A 549 -27.17 -14.07 25.80
C ASN A 549 -28.01 -14.87 26.77
N ALA A 550 -28.70 -14.17 27.67
CA ALA A 550 -29.69 -14.82 28.52
C ALA A 550 -30.93 -15.20 27.70
N ASP A 551 -31.47 -14.24 26.95
CA ASP A 551 -32.73 -14.40 26.23
C ASP A 551 -32.59 -15.19 24.93
N ARG A 552 -33.73 -15.67 24.44
CA ARG A 552 -33.78 -16.61 23.32
C ARG A 552 -33.07 -16.09 22.08
N THR A 553 -32.08 -16.86 21.64
CA THR A 553 -31.19 -16.46 20.57
C THR A 553 -30.94 -17.68 19.69
N SER A 554 -31.05 -17.52 18.37
CA SER A 554 -30.87 -18.65 17.45
C SER A 554 -29.48 -18.65 16.81
N LEU A 555 -29.08 -19.81 16.28
CA LEU A 555 -27.78 -19.97 15.61
C LEU A 555 -27.99 -20.61 14.24
N ASN A 556 -27.61 -19.90 13.18
CA ASN A 556 -27.79 -20.41 11.81
C ASN A 556 -26.58 -20.23 10.90
N GLU A 557 -26.37 -21.19 10.01
CA GLU A 557 -25.34 -21.09 8.99
C GLU A 557 -25.81 -20.19 7.86
N GLU A 558 -24.87 -19.61 7.13
CA GLU A 558 -25.17 -18.87 5.91
C GLU A 558 -23.99 -18.98 4.96
N GLU A 559 -24.24 -18.67 3.69
CA GLU A 559 -23.26 -18.80 2.62
C GLU A 559 -22.03 -17.93 2.91
N GLY A 560 -20.85 -18.55 2.90
CA GLY A 560 -19.61 -17.85 3.24
C GLY A 560 -18.53 -18.06 2.21
N LYS A 561 -17.80 -16.98 1.89
CA LYS A 561 -16.76 -17.03 0.88
C LYS A 561 -15.56 -16.18 1.27
N VAL A 562 -14.41 -16.50 0.69
CA VAL A 562 -13.19 -15.74 0.91
C VAL A 562 -12.33 -15.76 -0.35
N SER A 563 -11.88 -14.57 -0.76
CA SER A 563 -10.98 -14.42 -1.89
C SER A 563 -9.68 -13.86 -1.33
N TYR A 564 -8.64 -14.67 -1.32
CA TYR A 564 -7.33 -14.24 -0.86
C TYR A 564 -6.64 -13.38 -1.89
N VAL A 565 -6.77 -13.77 -3.16
CA VAL A 565 -6.21 -13.01 -4.28
C VAL A 565 -7.23 -12.86 -5.40
N TYR A 566 -6.89 -12.02 -6.35
CA TYR A 566 -7.81 -11.56 -7.39
C TYR A 566 -8.38 -12.71 -8.24
N ASN A 567 -9.69 -12.68 -8.44
CA ASN A 567 -10.45 -13.66 -9.25
C ASN A 567 -10.31 -15.13 -8.81
N LYS A 568 -10.05 -15.35 -7.53
CA LYS A 568 -10.03 -16.69 -6.95
C LYS A 568 -10.81 -16.65 -5.63
N GLU A 569 -11.65 -17.65 -5.41
CA GLU A 569 -12.47 -17.68 -4.22
C GLU A 569 -12.62 -19.11 -3.71
N LEU A 570 -12.94 -19.22 -2.42
CA LEU A 570 -13.06 -20.48 -1.71
C LEU A 570 -14.30 -20.42 -0.82
N LYS A 571 -15.10 -21.47 -0.81
CA LYS A 571 -16.21 -21.57 0.15
C LYS A 571 -15.66 -21.70 1.57
N ARG A 572 -16.36 -21.10 2.53
CA ARG A 572 -15.92 -21.15 3.93
C ARG A 572 -17.11 -20.95 4.87
N PRO A 573 -17.00 -21.42 6.12
CA PRO A 573 -18.13 -21.34 7.01
C PRO A 573 -18.43 -19.92 7.47
N ALA A 574 -19.72 -19.68 7.69
CA ALA A 574 -20.23 -18.42 8.17
C ALA A 574 -21.45 -18.74 8.98
N PHE A 575 -21.82 -17.86 9.90
CA PHE A 575 -23.01 -18.08 10.69
C PHE A 575 -23.45 -16.79 11.35
N VAL A 576 -24.55 -16.85 12.07
CA VAL A 576 -25.08 -15.65 12.69
C VAL A 576 -25.90 -16.01 13.93
N PHE A 577 -25.77 -15.17 14.96
CA PHE A 577 -26.64 -15.22 16.12
C PHE A 577 -27.78 -14.24 15.90
N GLU A 578 -29.03 -14.72 16.00
CA GLU A 578 -30.20 -13.93 15.65
C GLU A 578 -31.22 -13.84 16.78
N LYS A 579 -31.86 -12.69 16.86
CA LYS A 579 -32.75 -12.34 17.94
C LYS A 579 -33.65 -11.20 17.45
N PRO A 580 -34.93 -11.22 17.83
CA PRO A 580 -35.84 -10.14 17.44
C PRO A 580 -35.73 -8.92 18.33
N LYS A 581 -35.87 -7.74 17.71
CA LYS A 581 -36.07 -6.50 18.44
C LYS A 581 -37.51 -6.08 18.10
N LYS A 582 -38.42 -6.31 19.04
CA LYS A 582 -39.86 -6.12 18.79
C LYS A 582 -40.29 -4.68 19.03
N ASN A 583 -39.69 -4.02 20.02
CA ASN A 583 -40.05 -2.66 20.39
C ASN A 583 -38.81 -1.75 20.42
N ALA A 584 -38.92 -0.60 21.07
CA ALA A 584 -37.87 0.42 21.06
C ALA A 584 -36.82 0.20 22.13
N GLY A 585 -37.03 -0.79 23.00
CA GLY A 585 -36.03 -1.16 24.01
C GLY A 585 -34.79 -1.68 23.32
N THR A 586 -33.62 -1.29 23.84
CA THR A 586 -32.34 -1.71 23.27
C THR A 586 -32.14 -3.23 23.42
N GLN A 587 -31.60 -3.87 22.38
CA GLN A 587 -31.20 -5.27 22.43
C GLN A 587 -29.69 -5.41 22.53
N ASN A 588 -29.24 -6.32 23.39
CA ASN A 588 -27.83 -6.53 23.70
C ASN A 588 -27.40 -7.95 23.42
N PHE A 589 -26.25 -8.10 22.75
CA PHE A 589 -25.63 -9.40 22.53
C PHE A 589 -24.36 -9.45 23.37
N VAL A 590 -24.10 -10.58 24.02
CA VAL A 590 -22.81 -10.85 24.65
C VAL A 590 -22.26 -12.11 24.01
N SER A 591 -21.10 -11.99 23.38
CA SER A 591 -20.47 -13.11 22.69
C SER A 591 -19.07 -13.26 23.20
N ILE A 592 -18.57 -14.49 23.18
CA ILE A 592 -17.20 -14.76 23.59
C ILE A 592 -16.45 -15.41 22.43
N VAL A 593 -15.22 -14.95 22.21
CA VAL A 593 -14.39 -15.46 21.14
C VAL A 593 -13.17 -16.03 21.84
N TYR A 594 -13.10 -17.36 21.90
CA TYR A 594 -12.22 -18.06 22.84
C TYR A 594 -11.34 -19.08 22.14
N PRO A 595 -10.07 -18.74 21.87
CA PRO A 595 -9.07 -19.71 21.42
C PRO A 595 -8.78 -20.77 22.50
N TYR A 596 -8.55 -22.01 22.08
CA TYR A 596 -8.18 -23.05 23.03
C TYR A 596 -7.28 -24.11 22.40
N ASP A 597 -6.46 -24.74 23.25
CA ASP A 597 -5.61 -25.87 22.86
C ASP A 597 -6.38 -27.17 22.96
N GLY A 598 -6.14 -28.08 22.02
CA GLY A 598 -6.68 -29.44 22.10
C GLY A 598 -7.93 -29.66 21.27
N GLN A 599 -8.71 -30.66 21.65
CA GLN A 599 -9.83 -31.14 20.84
C GLN A 599 -11.20 -31.01 21.49
N LYS A 600 -11.25 -30.66 22.78
CA LYS A 600 -12.54 -30.50 23.48
C LYS A 600 -12.84 -29.02 23.77
N ALA A 601 -13.95 -28.54 23.20
CA ALA A 601 -14.36 -27.17 23.38
C ALA A 601 -14.70 -26.96 24.84
N PRO A 602 -14.30 -25.81 25.40
CA PRO A 602 -14.55 -25.59 26.82
C PRO A 602 -16.00 -25.24 27.13
N GLU A 603 -16.42 -25.53 28.36
CA GLU A 603 -17.73 -25.17 28.87
C GLU A 603 -17.68 -23.75 29.43
N ILE A 604 -18.45 -22.85 28.83
CA ILE A 604 -18.45 -21.46 29.26
C ILE A 604 -19.85 -21.01 29.60
N SER A 605 -20.01 -20.42 30.77
CA SER A 605 -21.27 -19.83 31.18
C SER A 605 -20.93 -18.47 31.79
N ILE A 606 -21.97 -17.67 32.02
CA ILE A 606 -21.79 -16.29 32.45
C ILE A 606 -22.86 -15.88 33.47
N ARG A 607 -22.45 -15.11 34.49
CA ARG A 607 -23.37 -14.57 35.49
C ARG A 607 -23.31 -13.05 35.45
N GLU A 608 -24.47 -12.42 35.47
CA GLU A 608 -24.56 -10.98 35.56
C GLU A 608 -24.49 -10.56 37.04
N ASN A 609 -23.43 -9.83 37.40
CA ASN A 609 -23.24 -9.39 38.78
C ASN A 609 -24.03 -8.12 39.09
N LYS A 610 -24.07 -7.75 40.36
CA LYS A 610 -24.64 -6.47 40.75
C LYS A 610 -23.70 -5.37 40.27
N GLY A 611 -24.28 -4.30 39.74
CA GLY A 611 -23.51 -3.19 39.16
C GLY A 611 -23.50 -3.23 37.63
N ASN A 612 -23.69 -4.43 37.07
CA ASN A 612 -23.82 -4.59 35.63
C ASN A 612 -25.04 -3.85 35.11
N ASP A 613 -24.79 -2.87 34.24
CA ASP A 613 -25.86 -2.11 33.60
C ASP A 613 -25.35 -1.50 32.29
N PHE A 614 -25.64 -2.19 31.20
CA PHE A 614 -25.17 -1.74 29.89
C PHE A 614 -25.77 -0.38 29.49
N GLU A 615 -26.92 -0.04 30.06
CA GLU A 615 -27.54 1.27 29.81
C GLU A 615 -26.65 2.42 30.27
N LYS A 616 -25.97 2.25 31.41
CA LYS A 616 -25.08 3.27 31.95
C LYS A 616 -23.60 3.04 31.60
N GLY A 617 -23.34 2.20 30.61
CA GLY A 617 -21.97 1.92 30.19
C GLY A 617 -21.16 1.22 31.26
N LYS A 618 -21.81 0.31 31.99
CA LYS A 618 -21.20 -0.39 33.10
C LYS A 618 -21.29 -1.90 32.86
N LEU A 619 -20.15 -2.57 32.79
CA LEU A 619 -20.12 -4.01 32.64
C LEU A 619 -19.52 -4.66 33.90
N ASN A 620 -20.27 -5.61 34.45
CA ASN A 620 -19.83 -6.38 35.59
C ASN A 620 -20.36 -7.81 35.49
N LEU A 621 -19.52 -8.69 34.98
CA LEU A 621 -19.91 -10.04 34.66
C LEU A 621 -18.86 -11.01 35.16
N THR A 622 -19.31 -12.19 35.58
CA THR A 622 -18.42 -13.28 35.97
C THR A 622 -18.56 -14.43 34.99
N LEU A 623 -17.50 -14.73 34.25
CA LEU A 623 -17.45 -15.89 33.38
C LEU A 623 -17.01 -17.11 34.17
N THR A 624 -17.45 -18.28 33.73
CA THR A 624 -17.00 -19.55 34.28
C THR A 624 -16.52 -20.42 33.11
N ILE A 625 -15.25 -20.77 33.13
CA ILE A 625 -14.62 -21.47 32.02
C ILE A 625 -14.05 -22.78 32.54
N ASN A 626 -14.55 -23.90 32.01
CA ASN A 626 -14.19 -25.23 32.50
C ASN A 626 -14.08 -25.20 34.04
N GLY A 627 -15.12 -24.65 34.67
CA GLY A 627 -15.21 -24.60 36.11
C GLY A 627 -14.61 -23.39 36.79
N LYS A 628 -13.67 -22.71 36.15
CA LYS A 628 -12.96 -21.59 36.80
C LYS A 628 -13.58 -20.25 36.45
N GLN A 629 -13.77 -19.42 37.49
CA GLN A 629 -14.42 -18.12 37.37
C GLN A 629 -13.45 -17.00 36.99
N GLN A 630 -13.87 -16.14 36.07
CA GLN A 630 -13.14 -14.94 35.68
C GLN A 630 -14.07 -13.73 35.82
N LEU A 631 -13.72 -12.82 36.73
CA LEU A 631 -14.45 -11.58 36.90
C LEU A 631 -14.04 -10.59 35.82
N VAL A 632 -15.03 -9.94 35.22
CA VAL A 632 -14.80 -8.86 34.27
C VAL A 632 -15.60 -7.66 34.75
N SER A 633 -14.89 -6.59 35.11
CA SER A 633 -15.50 -5.40 35.70
C SER A 633 -14.88 -4.16 35.05
N VAL A 634 -15.63 -3.51 34.15
CA VAL A 634 -15.10 -2.38 33.40
C VAL A 634 -16.20 -1.45 32.89
N PRO A 635 -15.93 -0.15 32.92
CA PRO A 635 -16.85 0.78 32.25
C PRO A 635 -16.61 0.77 30.73
N LEU A 636 -17.70 0.69 29.97
CA LEU A 636 -17.64 0.56 28.50
C LEU A 636 -17.50 1.88 27.75
N GLU A 637 -17.78 3.00 28.42
CA GLU A 637 -17.69 4.33 27.77
C GLU A 637 -16.77 5.26 28.55
N HIS A 638 -16.21 6.24 27.85
CA HIS A 638 -15.34 7.24 28.46
C HIS A 638 -15.91 8.64 28.26
N HIS A 639 -15.65 9.52 29.22
CA HIS A 639 -16.09 10.93 29.19
C HIS A 639 -17.61 10.97 29.10
N HIS A 640 -18.27 10.65 30.22
CA HIS A 640 -19.73 10.62 30.28
C HIS A 640 -20.29 10.89 31.69
#